data_1QFG
#
_entry.id   1QFG
#
_cell.length_a   171.550
_cell.length_b   171.550
_cell.length_c   87.650
_cell.angle_alpha   90.00
_cell.angle_beta   90.00
_cell.angle_gamma   120.00
#
_symmetry.space_group_name_H-M   'P 61'
#
loop_
_entity.id
_entity.type
_entity.pdbx_description
1 polymer 'PROTEIN (FERRIC HYDROXAMATE UPTAKE RECEPTOR)'
2 branched 'alpha-D-glucopyranose-(1-3)-[alpha-D-galactopyranose-(1-6)]alpha-D-glucopyranose-(1-3)-L-glycero-alpha-D-manno-heptopyranose-(1-3)-L-glycero-alpha-D-manno-heptopyranose-(1-5)-[3-deoxy-alpha-D-manno-oct-2-ulopyranosonic acid-(2-4)]3-deoxy-alpha-D-manno-oct-2-ulopyranosonic acid-(2-6)-2-amino-2,3-dideoxy-alpha-D-glucoyranose-(1-6)-2-amino-2-deoxy-alpha-D-glucopyranose'
3 non-polymer 'NICKEL (II) ION'
4 non-polymer 'PHOSPHATE ION'
5 non-polymer '3-HYDROXY-TETRADECANOIC ACID'
6 non-polymer 'LAURIC ACID'
7 non-polymer 'MYRISTIC ACID'
8 non-polymer DECYLAMINE-N,N-DIMETHYL-N-OXIDE
9 non-polymer DIPHOSPHATE
10 non-polymer GLYCEROL
11 water water
#
_entity_poly.entity_id   1
_entity_poly.type   'polypeptide(L)'
_entity_poly.pdbx_seq_one_letter_code
;AVEPKEDTITVTAAPAPQESAWGPAATIAARQSATGTKTDTPIQKVPQSISVVTAEEMALHQPKSVKEALSYTPGVSVGT
RGASNTYDHLIIRGFAAEGQSQNNYLNGLKLQGNFYNDAVIDPYMLERAEIMRGPVSVLYGKSSPGGLLNMVSKRPTTEP
LKEVQFKAGTDSLFQTGFDFSDSLDDDGVYSYRLTGLARSANAQQKGSEEQRYAIAPAFTWRPDDKTNFTFLSYFQNEPE
TGYYGWLPKEGTVEPLPNGKRLPTDFNEGAKNNTYSRNEKMVGYSFDHEFNDTFTVRQNLRFAENKTSQNSVYGYGVCSD
PANAYSKQCAALAPADKGHYLARKYVVDDEKLQNFSVDTQLQSKFATGDIDHTLLTGVDFMRMRNDINAWFGYDDSVPLL
NLYNPSSHHHHHHGSSVNTDFDFNAKDPANSGPYRILNKQKQTGVYVQDQAQWDKVLVTLGGRYDWADQESLNRVAGTTD
KRDDKQFTWRGGVNYLFDNGVTPYFSYSESFEPSSQVGKDGNIFAPSKGKQYEVGVKYVPEDRPIVVTGAVYNLTKTNNL
MADPEGSFFSVEGGEIRARGVEIEAKAALSASVNVVGSYTYTDAEYTTDTTYKGNTPAQVPKHMASLWADYTFFDGPLSG
LTLGTGGRYTGSSYGDPANSFKVGSYTVVDALVRYDLARVGMAGSNVALHVNNLFDREYVASCFNTYGCFWGAERQVVAT
ATFRF
;
_entity_poly.pdbx_strand_id   A
#
# COMPACT_ATOMS: atom_id res chain seq x y z
N GLU A 19 0.45 18.10 -24.19
CA GLU A 19 -0.83 18.85 -24.51
C GLU A 19 -1.76 18.95 -23.28
N SER A 20 -2.35 17.82 -22.85
CA SER A 20 -3.19 17.75 -21.63
C SER A 20 -2.25 17.45 -20.46
N ALA A 21 -2.62 17.85 -19.25
CA ALA A 21 -1.72 17.69 -18.07
C ALA A 21 -0.90 16.42 -17.81
N TRP A 22 -1.57 15.27 -17.90
CA TRP A 22 -1.02 13.96 -17.65
C TRP A 22 -0.25 13.42 -18.81
N GLY A 23 0.06 14.29 -19.74
CA GLY A 23 0.74 13.87 -20.92
C GLY A 23 2.19 13.65 -20.70
N PRO A 24 3.02 14.35 -21.45
CA PRO A 24 4.46 14.27 -21.36
C PRO A 24 4.97 15.14 -20.19
N ALA A 25 4.22 16.19 -19.83
CA ALA A 25 4.58 17.03 -18.66
C ALA A 25 4.67 16.08 -17.45
N ALA A 26 3.74 15.12 -17.44
CA ALA A 26 3.68 14.07 -16.42
C ALA A 26 4.81 13.01 -16.63
N THR A 27 4.90 12.44 -17.84
CA THR A 27 5.92 11.42 -18.20
C THR A 27 7.30 11.92 -17.72
N ILE A 28 7.68 13.11 -18.16
CA ILE A 28 8.99 13.68 -17.84
C ILE A 28 9.21 14.08 -16.39
N ALA A 29 8.20 14.64 -15.76
CA ALA A 29 8.35 15.00 -14.37
C ALA A 29 8.70 13.72 -13.58
N ALA A 30 8.23 12.61 -14.10
CA ALA A 30 8.42 11.35 -13.46
C ALA A 30 9.71 10.64 -13.82
N ARG A 31 10.65 11.35 -14.40
CA ARG A 31 11.90 10.74 -14.85
C ARG A 31 12.83 10.78 -13.69
N GLN A 32 12.50 11.79 -12.88
CA GLN A 32 13.16 12.20 -11.67
C GLN A 32 12.59 11.53 -10.41
N SER A 33 13.46 11.13 -9.49
CA SER A 33 13.03 10.54 -8.27
C SER A 33 14.03 10.63 -7.19
N ALA A 34 13.70 10.15 -6.02
CA ALA A 34 14.65 10.21 -4.93
C ALA A 34 14.49 9.05 -3.92
N THR A 35 13.35 8.40 -4.02
CA THR A 35 13.06 7.37 -3.11
C THR A 35 14.12 6.27 -3.18
N GLY A 36 14.74 6.07 -4.36
CA GLY A 36 15.66 4.97 -4.54
C GLY A 36 17.11 5.18 -4.18
N THR A 37 17.50 6.42 -3.93
CA THR A 37 18.90 6.75 -3.62
C THR A 37 19.06 7.82 -2.59
N LYS A 38 17.94 8.35 -2.16
CA LYS A 38 17.95 9.42 -1.20
C LYS A 38 18.67 10.64 -1.73
N THR A 39 18.92 10.67 -3.03
CA THR A 39 19.53 11.84 -3.63
C THR A 39 18.63 12.00 -4.79
N ASP A 40 18.49 13.23 -5.24
CA ASP A 40 17.69 13.45 -6.38
C ASP A 40 18.44 12.95 -7.62
N THR A 41 18.00 11.81 -8.16
CA THR A 41 18.57 11.06 -9.26
C THR A 41 17.50 10.69 -10.23
N PRO A 42 17.78 10.64 -11.52
CA PRO A 42 16.80 10.29 -12.54
C PRO A 42 16.73 8.81 -12.62
N ILE A 43 15.63 8.27 -13.12
CA ILE A 43 15.49 6.85 -13.04
C ILE A 43 16.35 5.92 -13.77
N GLN A 44 16.98 6.40 -14.82
CA GLN A 44 17.83 5.49 -15.54
C GLN A 44 19.16 5.42 -14.76
N LYS A 45 19.38 6.36 -13.85
CA LYS A 45 20.56 6.31 -13.04
C LYS A 45 20.28 5.58 -11.74
N VAL A 46 19.11 4.92 -11.71
CA VAL A 46 18.74 4.17 -10.52
C VAL A 46 18.68 2.68 -10.85
N PRO A 47 19.63 1.96 -10.24
CA PRO A 47 20.12 0.60 -10.12
C PRO A 47 19.15 -0.36 -9.57
N GLN A 48 17.94 0.11 -9.36
CA GLN A 48 16.91 -0.73 -8.78
C GLN A 48 15.58 -0.39 -9.42
N SER A 49 14.64 -1.34 -9.35
CA SER A 49 13.33 -1.15 -9.92
C SER A 49 12.52 -0.07 -9.15
N ILE A 50 12.02 0.95 -9.85
CA ILE A 50 11.25 2.01 -9.18
C ILE A 50 10.20 2.64 -10.08
N SER A 51 8.99 2.83 -9.57
CA SER A 51 7.89 3.43 -10.33
C SER A 51 7.41 4.71 -9.73
N VAL A 52 6.86 5.58 -10.57
CA VAL A 52 6.42 6.90 -10.16
C VAL A 52 5.06 7.28 -10.73
N VAL A 53 4.22 7.84 -9.89
CA VAL A 53 2.91 8.21 -10.33
C VAL A 53 2.74 9.54 -9.82
N THR A 54 2.39 10.41 -10.74
CA THR A 54 2.28 11.85 -10.52
C THR A 54 0.89 12.30 -10.23
N ALA A 55 0.84 13.48 -9.66
CA ALA A 55 -0.39 14.08 -9.25
C ALA A 55 -1.34 14.27 -10.41
N GLU A 56 -0.80 14.66 -11.57
CA GLU A 56 -1.60 14.88 -12.80
C GLU A 56 -2.22 13.54 -13.16
N GLU A 57 -1.44 12.49 -13.04
CA GLU A 57 -2.04 11.20 -13.26
C GLU A 57 -3.16 10.85 -12.25
N MET A 58 -3.01 11.09 -10.95
CA MET A 58 -4.09 10.75 -10.08
C MET A 58 -5.30 11.69 -10.29
N ALA A 59 -5.01 12.87 -10.79
CA ALA A 59 -6.02 13.87 -11.05
C ALA A 59 -6.82 13.30 -12.24
N LEU A 60 -6.15 12.61 -13.17
CA LEU A 60 -6.91 11.95 -14.29
C LEU A 60 -7.75 10.75 -13.88
N HIS A 61 -7.05 9.76 -13.29
CA HIS A 61 -7.58 8.49 -12.88
C HIS A 61 -8.46 8.47 -11.67
N GLN A 62 -8.28 9.43 -10.75
CA GLN A 62 -9.14 9.55 -9.57
C GLN A 62 -9.24 8.33 -8.69
N PRO A 63 -8.08 7.76 -8.30
CA PRO A 63 -8.06 6.58 -7.47
C PRO A 63 -8.66 6.73 -6.14
N LYS A 64 -9.39 5.72 -5.69
CA LYS A 64 -9.98 5.82 -4.37
C LYS A 64 -8.82 5.93 -3.41
N SER A 65 -7.77 5.12 -3.58
CA SER A 65 -6.65 5.23 -2.66
C SER A 65 -5.25 5.22 -3.32
N VAL A 66 -4.15 5.28 -2.53
CA VAL A 66 -2.80 5.20 -3.13
C VAL A 66 -2.72 3.89 -3.87
N LYS A 67 -3.50 2.93 -3.42
CA LYS A 67 -3.46 1.60 -4.04
C LYS A 67 -3.71 1.62 -5.55
N GLU A 68 -4.88 2.12 -5.94
CA GLU A 68 -5.28 2.18 -7.34
C GLU A 68 -4.34 3.03 -8.13
N ALA A 69 -3.75 3.97 -7.45
CA ALA A 69 -2.77 4.85 -8.06
C ALA A 69 -1.62 4.08 -8.63
N LEU A 70 -1.27 2.92 -8.05
CA LEU A 70 -0.14 2.14 -8.58
C LEU A 70 -0.63 1.02 -9.50
N SER A 71 -1.93 1.01 -9.78
CA SER A 71 -2.49 -0.05 -10.64
C SER A 71 -1.86 -0.38 -11.97
N TYR A 72 -1.08 0.50 -12.59
CA TYR A 72 -0.52 0.14 -13.86
C TYR A 72 0.94 -0.09 -13.78
N THR A 73 1.36 -0.53 -12.63
CA THR A 73 2.77 -0.68 -12.35
C THR A 73 3.19 -2.09 -12.13
N PRO A 74 4.37 -2.47 -12.57
CA PRO A 74 4.66 -3.89 -12.28
C PRO A 74 5.08 -4.32 -10.88
N GLY A 75 4.83 -5.60 -10.63
CA GLY A 75 5.24 -6.26 -9.42
C GLY A 75 4.51 -6.04 -8.12
N VAL A 76 3.27 -5.57 -8.21
CA VAL A 76 2.53 -5.26 -7.06
C VAL A 76 1.04 -5.62 -7.15
N SER A 77 0.50 -6.36 -6.17
CA SER A 77 -0.95 -6.65 -6.17
C SER A 77 -1.52 -5.50 -5.32
N VAL A 78 -2.43 -4.70 -5.84
CA VAL A 78 -3.00 -3.61 -5.06
C VAL A 78 -4.41 -3.93 -4.61
N GLY A 79 -5.02 -4.96 -5.21
CA GLY A 79 -6.39 -5.30 -4.84
C GLY A 79 -6.66 -6.51 -3.98
N THR A 80 -5.62 -7.09 -3.38
CA THR A 80 -5.76 -8.25 -2.57
C THR A 80 -6.95 -8.30 -1.75
N ARG A 81 -7.29 -7.25 -1.05
CA ARG A 81 -8.46 -7.24 -0.10
C ARG A 81 -9.83 -6.83 -0.68
N GLY A 82 -9.82 -6.71 -1.98
CA GLY A 82 -11.04 -6.40 -2.65
C GLY A 82 -11.68 -5.11 -2.25
N ALA A 83 -12.97 -5.16 -2.04
CA ALA A 83 -13.75 -3.98 -1.74
C ALA A 83 -13.34 -3.27 -0.47
N SER A 84 -12.62 -3.91 0.44
CA SER A 84 -12.25 -3.12 1.61
C SER A 84 -11.35 -1.97 1.24
N ASN A 85 -11.42 -0.88 1.96
CA ASN A 85 -10.50 0.26 1.76
C ASN A 85 -9.79 0.62 3.08
N THR A 86 -10.03 -0.07 4.17
CA THR A 86 -9.32 0.28 5.40
C THR A 86 -7.77 0.51 5.40
N TYR A 87 -7.04 -0.19 4.59
CA TYR A 87 -5.61 -0.08 4.59
C TYR A 87 -5.03 -0.07 3.21
N ASP A 88 -3.85 0.49 3.05
CA ASP A 88 -3.25 0.48 1.80
C ASP A 88 -2.15 -0.60 1.96
N HIS A 89 -2.57 -1.84 1.90
CA HIS A 89 -1.72 -2.99 1.94
C HIS A 89 -1.29 -3.43 0.54
N LEU A 90 -0.03 -3.64 0.36
CA LEU A 90 0.44 -4.03 -0.89
C LEU A 90 1.39 -5.24 -0.79
N ILE A 91 1.09 -6.25 -1.62
CA ILE A 91 2.02 -7.35 -1.76
C ILE A 91 2.93 -7.00 -2.97
N ILE A 92 4.23 -6.91 -2.71
CA ILE A 92 5.21 -6.53 -3.71
C ILE A 92 6.18 -7.65 -3.96
N ARG A 93 6.39 -7.98 -5.23
CA ARG A 93 7.31 -9.03 -5.61
C ARG A 93 7.08 -10.28 -4.77
N GLY A 94 5.80 -10.59 -4.59
CA GLY A 94 5.45 -11.71 -3.71
C GLY A 94 5.47 -11.55 -2.16
N PHE A 95 6.13 -10.56 -1.59
CA PHE A 95 6.14 -10.44 -0.14
C PHE A 95 5.41 -9.26 0.45
N ALA A 96 5.16 -9.39 1.74
CA ALA A 96 4.50 -8.36 2.50
C ALA A 96 5.34 -8.29 3.76
N ALA A 97 5.16 -7.22 4.52
CA ALA A 97 5.89 -7.06 5.79
C ALA A 97 5.56 -8.00 6.94
N GLU A 98 6.51 -7.96 7.87
CA GLU A 98 6.42 -8.70 9.11
C GLU A 98 5.01 -8.41 9.64
N GLY A 99 4.20 -9.47 9.70
CA GLY A 99 2.86 -9.33 10.21
C GLY A 99 1.77 -8.96 9.22
N GLN A 100 2.08 -8.51 8.03
CA GLN A 100 1.01 -8.11 7.09
C GLN A 100 0.72 -6.63 7.35
N SER A 101 1.62 -6.04 8.12
CA SER A 101 1.66 -4.65 8.42
C SER A 101 2.03 -3.86 7.12
N GLN A 102 1.55 -2.65 6.98
CA GLN A 102 1.92 -1.85 5.85
C GLN A 102 3.41 -1.55 5.91
N ASN A 103 4.05 -1.37 4.76
CA ASN A 103 5.42 -0.94 4.75
C ASN A 103 5.34 0.32 3.94
N ASN A 104 4.70 1.34 4.48
CA ASN A 104 4.42 2.62 3.79
C ASN A 104 5.17 3.86 4.31
N TYR A 105 5.85 4.60 3.43
CA TYR A 105 6.55 5.85 3.79
C TYR A 105 5.79 7.16 3.34
N LEU A 106 6.03 8.28 4.00
CA LEU A 106 5.44 9.53 3.60
C LEU A 106 6.59 10.51 3.84
N ASN A 107 7.10 11.08 2.75
CA ASN A 107 8.18 12.06 2.80
C ASN A 107 9.52 11.49 3.23
N GLY A 108 9.75 10.21 2.94
CA GLY A 108 11.02 9.60 3.21
C GLY A 108 11.07 9.05 4.57
N LEU A 109 9.98 9.22 5.33
CA LEU A 109 9.99 8.74 6.69
C LEU A 109 8.95 7.71 6.86
N LYS A 110 9.24 6.63 7.59
CA LYS A 110 8.23 5.62 7.73
C LYS A 110 7.00 5.90 8.53
N LEU A 111 5.82 5.56 7.99
CA LEU A 111 4.65 5.78 8.83
C LEU A 111 4.58 4.45 9.56
N GLN A 112 5.34 4.29 10.66
CA GLN A 112 5.34 3.05 11.42
C GLN A 112 4.05 2.73 12.17
N GLY A 113 3.36 1.66 11.80
CA GLY A 113 2.16 1.29 12.54
C GLY A 113 2.41 0.02 13.30
N ASN A 114 1.34 -0.46 13.87
CA ASN A 114 1.40 -1.66 14.67
C ASN A 114 0.04 -2.28 14.89
N PHE A 115 -0.05 -3.60 14.69
CA PHE A 115 -1.31 -4.32 14.93
C PHE A 115 -2.44 -3.61 14.13
N TYR A 116 -3.67 -3.39 14.59
CA TYR A 116 -4.57 -2.64 13.68
C TYR A 116 -4.26 -1.14 13.48
N ASN A 117 -3.18 -0.61 14.09
CA ASN A 117 -2.92 0.83 13.99
C ASN A 117 -1.99 1.09 12.86
N ASP A 118 -2.60 1.41 11.74
CA ASP A 118 -1.88 1.64 10.50
C ASP A 118 -2.59 2.83 9.91
N ALA A 119 -1.80 3.71 9.31
CA ALA A 119 -2.35 4.97 8.88
C ALA A 119 -2.38 5.09 7.41
N VAL A 120 -3.30 5.86 6.87
CA VAL A 120 -3.28 5.99 5.43
C VAL A 120 -3.37 7.44 5.12
N ILE A 121 -3.00 7.75 3.91
CA ILE A 121 -3.06 9.14 3.53
C ILE A 121 -3.94 9.23 2.34
N ASP A 122 -4.89 10.17 2.29
CA ASP A 122 -5.77 10.24 1.09
C ASP A 122 -5.04 10.64 -0.16
N PRO A 123 -5.26 9.99 -1.30
CA PRO A 123 -4.47 10.52 -2.45
C PRO A 123 -4.76 11.99 -2.86
N TYR A 124 -5.84 12.62 -2.42
CA TYR A 124 -6.02 14.01 -2.81
C TYR A 124 -4.95 14.86 -2.15
N MET A 125 -4.32 14.38 -1.12
CA MET A 125 -3.32 15.17 -0.44
C MET A 125 -1.93 14.84 -0.89
N LEU A 126 -1.79 14.07 -1.95
CA LEU A 126 -0.47 13.69 -2.44
C LEU A 126 0.02 14.44 -3.67
N GLU A 127 1.31 14.55 -3.86
CA GLU A 127 1.82 15.19 -5.04
C GLU A 127 2.29 14.08 -5.95
N ARG A 128 2.70 12.97 -5.34
CA ARG A 128 3.18 11.84 -6.06
C ARG A 128 3.35 10.65 -5.15
N ALA A 129 3.51 9.49 -5.77
CA ALA A 129 3.70 8.24 -5.07
C ALA A 129 4.79 7.54 -5.79
N GLU A 130 5.67 6.86 -5.08
CA GLU A 130 6.73 6.03 -5.70
C GLU A 130 6.81 4.64 -5.01
N ILE A 131 6.97 3.56 -5.79
CA ILE A 131 7.09 2.20 -5.23
C ILE A 131 8.44 1.75 -5.58
N MET A 132 9.22 1.33 -4.59
CA MET A 132 10.58 0.82 -4.76
C MET A 132 10.60 -0.66 -4.51
N ARG A 133 10.83 -1.48 -5.54
CA ARG A 133 10.84 -2.96 -5.42
C ARG A 133 12.17 -3.59 -5.03
N GLY A 134 12.03 -4.69 -4.33
CA GLY A 134 13.19 -5.39 -3.84
C GLY A 134 13.56 -4.72 -2.57
N PRO A 135 14.70 -5.13 -2.02
CA PRO A 135 15.24 -4.61 -0.78
C PRO A 135 15.74 -3.20 -0.80
N VAL A 136 15.56 -2.52 0.32
CA VAL A 136 15.99 -1.15 0.44
C VAL A 136 16.40 -0.83 1.84
N SER A 137 16.79 -1.84 2.59
CA SER A 137 17.21 -1.52 3.93
C SER A 137 18.46 -0.72 3.75
N VAL A 138 19.18 -0.95 2.70
CA VAL A 138 20.37 -0.14 2.58
C VAL A 138 20.09 1.35 2.77
N LEU A 139 18.85 1.82 2.60
CA LEU A 139 18.61 3.25 2.81
C LEU A 139 17.62 3.62 3.91
N TYR A 140 16.78 2.67 4.31
CA TYR A 140 15.70 2.87 5.28
C TYR A 140 15.63 1.95 6.50
N GLY A 141 16.49 0.95 6.64
CA GLY A 141 16.39 0.12 7.83
C GLY A 141 15.49 -1.07 7.68
N LYS A 142 15.06 -1.62 8.80
CA LYS A 142 14.18 -2.77 8.71
C LYS A 142 13.10 -2.46 7.71
N SER A 143 12.95 -3.40 6.80
CA SER A 143 12.02 -3.27 5.72
C SER A 143 11.83 -4.64 5.14
N SER A 144 10.67 -4.83 4.54
CA SER A 144 10.27 -6.09 3.96
C SER A 144 10.98 -6.34 2.67
N PRO A 145 11.39 -7.60 2.40
CA PRO A 145 12.06 -7.79 1.10
C PRO A 145 10.88 -7.54 0.17
N GLY A 146 10.99 -7.20 -1.07
CA GLY A 146 9.66 -6.99 -1.62
C GLY A 146 9.58 -5.56 -2.03
N GLY A 147 9.78 -4.68 -1.07
CA GLY A 147 9.77 -3.28 -1.40
C GLY A 147 9.18 -2.35 -0.39
N LEU A 148 8.96 -1.13 -0.81
CA LEU A 148 8.45 -0.11 0.08
C LEU A 148 7.69 0.92 -0.74
N LEU A 149 6.74 1.61 -0.11
CA LEU A 149 5.93 2.61 -0.84
C LEU A 149 6.26 3.91 -0.25
N ASN A 150 6.63 4.88 -1.07
CA ASN A 150 6.85 6.26 -0.56
C ASN A 150 5.90 7.31 -1.18
N MET A 151 5.13 7.95 -0.34
CA MET A 151 4.16 8.95 -0.81
C MET A 151 4.73 10.33 -0.51
N VAL A 152 4.43 11.34 -1.32
CA VAL A 152 4.98 12.65 -1.09
C VAL A 152 3.83 13.63 -0.89
N SER A 153 3.89 14.42 0.16
CA SER A 153 2.91 15.42 0.48
C SER A 153 2.82 16.53 -0.52
N LYS A 154 1.62 17.03 -0.76
CA LYS A 154 1.47 18.22 -1.63
C LYS A 154 2.21 19.32 -0.86
N ARG A 155 3.01 20.16 -1.52
CA ARG A 155 3.72 21.24 -0.82
C ARG A 155 3.18 22.55 -1.43
N PRO A 156 3.45 23.70 -0.78
CA PRO A 156 2.98 25.00 -1.31
C PRO A 156 3.50 25.25 -2.71
N THR A 157 2.67 25.86 -3.54
CA THR A 157 2.97 26.13 -4.97
C THR A 157 3.63 27.49 -5.26
N THR A 158 4.32 27.57 -6.40
CA THR A 158 4.93 28.85 -6.80
C THR A 158 3.76 29.83 -7.17
N GLU A 159 3.03 29.49 -8.22
CA GLU A 159 1.84 30.20 -8.69
C GLU A 159 0.64 29.90 -7.78
N PRO A 160 -0.41 30.72 -7.83
CA PRO A 160 -1.57 30.49 -6.98
C PRO A 160 -2.42 29.35 -7.41
N LEU A 161 -3.16 28.82 -6.44
CA LEU A 161 -4.06 27.72 -6.69
C LEU A 161 -5.26 27.85 -5.79
N LYS A 162 -6.43 27.88 -6.39
CA LYS A 162 -7.70 27.96 -5.65
C LYS A 162 -8.64 26.90 -6.27
N GLU A 163 -8.68 25.70 -5.66
CA GLU A 163 -9.50 24.61 -6.16
C GLU A 163 -10.58 24.12 -5.22
N VAL A 164 -11.73 23.82 -5.81
CA VAL A 164 -12.87 23.25 -5.07
C VAL A 164 -13.33 22.08 -5.93
N GLN A 165 -13.66 20.97 -5.28
CA GLN A 165 -14.00 19.72 -6.02
C GLN A 165 -15.20 19.07 -5.42
N PHE A 166 -16.07 18.54 -6.29
CA PHE A 166 -17.29 17.92 -5.79
C PHE A 166 -17.38 16.68 -6.51
N LYS A 167 -17.96 15.71 -5.82
CA LYS A 167 -18.10 14.35 -6.31
C LYS A 167 -19.41 13.80 -5.85
N ALA A 168 -20.07 13.11 -6.76
CA ALA A 168 -21.32 12.42 -6.43
C ALA A 168 -21.18 11.12 -7.15
N GLY A 169 -21.44 10.03 -6.41
CA GLY A 169 -21.34 8.70 -7.01
C GLY A 169 -22.34 7.67 -6.51
N THR A 170 -22.16 6.43 -7.02
CA THR A 170 -22.95 5.24 -6.65
C THR A 170 -22.65 4.90 -5.22
N ASP A 171 -23.55 4.15 -4.60
CA ASP A 171 -23.38 3.71 -3.20
C ASP A 171 -23.42 4.86 -2.27
N SER A 172 -23.85 5.99 -2.83
CA SER A 172 -24.00 7.20 -2.00
C SER A 172 -22.75 7.99 -1.66
N LEU A 173 -21.83 7.98 -2.60
CA LEU A 173 -20.63 8.75 -2.45
C LEU A 173 -20.93 10.25 -2.66
N PHE A 174 -20.50 11.03 -1.70
CA PHE A 174 -20.60 12.48 -1.78
C PHE A 174 -19.26 12.92 -1.23
N GLN A 175 -18.48 13.62 -2.04
CA GLN A 175 -17.23 14.11 -1.49
C GLN A 175 -17.14 15.54 -1.82
N THR A 176 -16.67 16.28 -0.83
CA THR A 176 -16.42 17.69 -1.05
C THR A 176 -14.98 18.05 -0.60
N GLY A 177 -14.19 18.66 -1.48
CA GLY A 177 -12.83 19.07 -1.07
C GLY A 177 -12.18 20.32 -1.69
N PHE A 178 -11.16 20.85 -1.03
CA PHE A 178 -10.39 22.01 -1.55
C PHE A 178 -8.87 21.89 -1.43
N ASP A 179 -8.27 22.71 -2.27
CA ASP A 179 -6.84 22.79 -2.39
C ASP A 179 -6.45 24.25 -2.71
N PHE A 180 -6.05 25.00 -1.72
CA PHE A 180 -5.60 26.39 -1.93
C PHE A 180 -4.13 26.58 -1.53
N SER A 181 -3.40 27.26 -2.38
CA SER A 181 -2.01 27.56 -2.08
C SER A 181 -1.64 29.00 -2.56
N ASP A 182 -0.90 29.70 -1.73
CA ASP A 182 -0.45 30.98 -2.14
C ASP A 182 0.78 31.47 -1.38
N SER A 183 1.36 32.54 -1.93
CA SER A 183 2.50 33.19 -1.29
C SER A 183 1.98 34.28 -0.44
N LEU A 184 2.69 34.53 0.64
CA LEU A 184 2.36 35.58 1.56
C LEU A 184 3.21 36.81 1.33
N ASP A 185 4.03 36.79 0.29
CA ASP A 185 4.93 37.90 0.03
C ASP A 185 5.21 37.83 -1.46
N ASP A 186 5.69 38.90 -2.10
CA ASP A 186 5.83 38.75 -3.53
C ASP A 186 7.00 38.06 -4.07
N ASP A 187 7.90 37.76 -3.17
CA ASP A 187 9.10 37.08 -3.51
C ASP A 187 9.02 35.65 -3.22
N GLY A 188 8.01 35.30 -2.43
CA GLY A 188 7.76 33.92 -2.09
C GLY A 188 8.68 33.30 -1.08
N VAL A 189 9.08 34.04 -0.08
CA VAL A 189 9.93 33.48 0.89
C VAL A 189 8.92 32.78 1.79
N TYR A 190 7.67 33.22 1.71
CA TYR A 190 6.64 32.62 2.50
C TYR A 190 5.40 32.13 1.75
N SER A 191 5.15 30.82 1.81
CA SER A 191 3.95 30.30 1.16
C SER A 191 3.27 29.19 1.97
N TYR A 192 2.00 29.00 1.67
CA TYR A 192 1.27 27.98 2.37
C TYR A 192 0.44 27.11 1.44
N ARG A 193 -0.11 26.03 2.01
CA ARG A 193 -1.06 25.20 1.25
C ARG A 193 -1.93 24.58 2.29
N LEU A 194 -3.20 24.47 1.91
CA LEU A 194 -4.17 23.88 2.81
C LEU A 194 -5.04 23.03 1.89
N THR A 195 -4.97 21.72 2.10
CA THR A 195 -5.80 20.79 1.30
C THR A 195 -6.74 20.11 2.29
N GLY A 196 -8.03 20.00 1.94
CA GLY A 196 -8.99 19.35 2.84
C GLY A 196 -10.05 18.52 2.16
N LEU A 197 -10.64 17.60 2.90
CA LEU A 197 -11.68 16.82 2.25
C LEU A 197 -12.64 16.24 3.18
N ALA A 198 -13.90 16.18 2.70
CA ALA A 198 -14.98 15.51 3.46
C ALA A 198 -15.62 14.48 2.51
N ARG A 199 -15.76 13.26 2.98
CA ARG A 199 -16.23 12.11 2.17
C ARG A 199 -17.11 11.20 2.98
N SER A 200 -17.98 10.50 2.27
CA SER A 200 -18.86 9.53 2.89
C SER A 200 -19.47 8.73 1.78
N ALA A 201 -19.69 7.46 2.06
CA ALA A 201 -20.34 6.58 1.13
C ALA A 201 -20.74 5.40 1.97
N ASN A 202 -21.48 4.48 1.35
CA ASN A 202 -21.83 3.27 2.03
C ASN A 202 -20.89 2.27 1.41
N ALA A 203 -20.42 1.32 2.20
CA ALA A 203 -19.56 0.28 1.70
C ALA A 203 -20.30 -0.62 0.74
N GLN A 204 -19.58 -1.34 -0.11
CA GLN A 204 -20.18 -2.35 -1.01
C GLN A 204 -21.07 -3.34 -0.20
N GLN A 205 -20.62 -3.71 1.01
CA GLN A 205 -21.30 -4.64 1.93
C GLN A 205 -22.41 -3.97 2.66
N LYS A 206 -23.60 -4.58 2.68
CA LYS A 206 -24.77 -4.00 3.32
C LYS A 206 -24.58 -3.68 4.79
N GLY A 207 -25.01 -2.51 5.16
CA GLY A 207 -24.86 -2.12 6.54
C GLY A 207 -23.53 -1.42 6.82
N SER A 208 -22.51 -1.53 5.96
CA SER A 208 -21.30 -0.81 6.27
C SER A 208 -21.18 0.54 5.56
N GLU A 209 -20.66 1.52 6.29
CA GLU A 209 -20.46 2.84 5.68
C GLU A 209 -19.01 3.24 5.91
N GLU A 210 -18.64 4.33 5.26
CA GLU A 210 -17.30 4.94 5.33
C GLU A 210 -17.44 6.42 5.47
N GLN A 211 -16.66 7.01 6.33
CA GLN A 211 -16.67 8.47 6.41
C GLN A 211 -15.24 9.01 6.56
N ARG A 212 -14.89 10.12 5.92
CA ARG A 212 -13.54 10.65 6.15
C ARG A 212 -13.45 12.14 6.20
N TYR A 213 -12.74 12.63 7.21
CA TYR A 213 -12.48 14.08 7.26
C TYR A 213 -10.92 14.23 7.30
N ALA A 214 -10.45 15.07 6.40
CA ALA A 214 -9.03 15.31 6.31
C ALA A 214 -8.60 16.67 5.86
N ILE A 215 -7.74 17.27 6.67
CA ILE A 215 -7.10 18.58 6.43
C ILE A 215 -5.56 18.47 6.57
N ALA A 216 -4.83 18.87 5.53
CA ALA A 216 -3.33 18.94 5.53
C ALA A 216 -2.79 20.35 5.41
N PRO A 217 -2.46 20.99 6.52
CA PRO A 217 -1.88 22.34 6.47
C PRO A 217 -0.34 22.23 6.22
N ALA A 218 0.20 22.99 5.27
CA ALA A 218 1.64 23.03 4.88
C ALA A 218 2.09 24.47 4.75
N PHE A 219 3.33 24.71 5.08
CA PHE A 219 3.89 26.06 5.08
C PHE A 219 5.34 25.97 4.65
N THR A 220 5.71 26.69 3.58
CA THR A 220 7.10 26.72 3.12
C THR A 220 7.82 28.07 3.36
N TRP A 221 9.06 27.96 3.78
CA TRP A 221 9.91 29.12 4.04
C TRP A 221 11.19 29.01 3.21
N ARG A 222 11.29 29.74 2.11
CA ARG A 222 12.52 29.77 1.29
C ARG A 222 13.14 31.18 1.57
N PRO A 223 14.02 31.35 2.59
CA PRO A 223 14.63 32.65 2.91
C PRO A 223 15.50 33.18 1.80
N ASP A 224 15.86 32.25 0.91
CA ASP A 224 16.70 32.48 -0.24
C ASP A 224 16.64 31.21 -1.07
N ASP A 225 17.46 31.13 -2.12
CA ASP A 225 17.45 29.94 -2.98
C ASP A 225 18.41 28.79 -2.71
N LYS A 226 18.99 28.68 -1.54
CA LYS A 226 19.82 27.50 -1.29
C LYS A 226 19.19 26.89 0.00
N THR A 227 18.03 27.43 0.38
CA THR A 227 17.36 27.04 1.57
C THR A 227 15.84 26.82 1.47
N ASN A 228 15.37 25.72 2.06
CA ASN A 228 13.96 25.39 2.08
C ASN A 228 13.47 24.64 3.32
N PHE A 229 12.56 25.25 4.07
CA PHE A 229 11.99 24.55 5.23
C PHE A 229 10.49 24.47 4.99
N THR A 230 10.00 23.26 4.70
CA THR A 230 8.58 23.11 4.54
C THR A 230 7.95 22.34 5.68
N PHE A 231 7.02 22.97 6.39
CA PHE A 231 6.30 22.34 7.47
C PHE A 231 5.13 21.55 6.87
N LEU A 232 5.12 20.27 7.19
CA LEU A 232 4.10 19.38 6.68
C LEU A 232 3.18 18.81 7.79
N SER A 233 1.88 19.04 7.70
CA SER A 233 1.02 18.45 8.70
C SER A 233 -0.16 17.71 8.08
N TYR A 234 -0.70 16.72 8.80
CA TYR A 234 -1.88 15.98 8.33
C TYR A 234 -2.78 15.56 9.48
N PHE A 235 -4.07 15.86 9.36
CA PHE A 235 -5.02 15.49 10.43
C PHE A 235 -6.17 14.80 9.79
N GLN A 236 -6.49 13.59 10.24
CA GLN A 236 -7.60 12.84 9.63
C GLN A 236 -8.41 12.14 10.72
N ASN A 237 -9.72 12.30 10.59
CA ASN A 237 -10.70 11.63 11.43
C ASN A 237 -11.66 10.74 10.55
N GLU A 238 -11.81 9.49 10.96
CA GLU A 238 -12.62 8.53 10.26
C GLU A 238 -13.38 7.74 11.32
N PRO A 239 -14.64 8.12 11.56
CA PRO A 239 -15.68 7.62 12.48
C PRO A 239 -15.96 6.20 12.03
N GLU A 240 -16.24 6.06 10.73
CA GLU A 240 -16.41 4.77 10.11
C GLU A 240 -15.47 4.49 8.89
N THR A 241 -14.73 3.40 9.00
CA THR A 241 -13.76 2.91 8.01
C THR A 241 -14.29 1.88 7.00
N GLY A 242 -15.38 1.23 7.38
CA GLY A 242 -16.06 0.23 6.55
C GLY A 242 -15.78 -1.25 6.75
N TYR A 243 -16.14 -2.01 5.76
CA TYR A 243 -15.93 -3.43 5.82
C TYR A 243 -14.47 -3.91 5.91
N TYR A 244 -14.21 -4.88 6.74
CA TYR A 244 -12.86 -5.47 6.82
C TYR A 244 -13.03 -6.98 7.23
N GLY A 245 -14.11 -7.60 6.73
CA GLY A 245 -14.50 -8.93 7.13
C GLY A 245 -13.90 -10.04 6.37
N TRP A 246 -14.26 -11.28 6.77
CA TRP A 246 -13.70 -12.51 6.17
C TRP A 246 -14.74 -13.41 5.63
N LEU A 247 -14.60 -13.91 4.40
CA LEU A 247 -15.60 -14.84 3.88
C LEU A 247 -15.01 -16.20 3.54
N PRO A 248 -15.80 -17.28 3.68
CA PRO A 248 -15.38 -18.65 3.41
C PRO A 248 -15.20 -18.84 1.92
N LYS A 249 -14.33 -19.76 1.54
CA LYS A 249 -14.17 -19.97 0.12
C LYS A 249 -15.47 -20.60 -0.34
N GLU A 250 -16.26 -21.07 0.65
CA GLU A 250 -17.55 -21.74 0.38
C GLU A 250 -18.65 -20.69 0.34
N GLY A 251 -19.00 -20.27 -0.86
CA GLY A 251 -20.03 -19.26 -1.06
C GLY A 251 -19.46 -18.07 -1.81
N THR A 252 -18.19 -18.20 -2.15
CA THR A 252 -17.46 -17.18 -2.83
C THR A 252 -16.70 -17.87 -3.97
N VAL A 253 -15.54 -18.41 -3.69
CA VAL A 253 -14.77 -19.11 -4.74
C VAL A 253 -15.46 -20.35 -5.27
N GLU A 254 -16.13 -21.03 -4.34
CA GLU A 254 -16.79 -22.28 -4.55
C GLU A 254 -18.24 -22.19 -4.25
N PRO A 255 -19.00 -23.15 -4.75
CA PRO A 255 -20.42 -23.03 -4.42
C PRO A 255 -20.71 -23.57 -3.05
N LEU A 256 -21.89 -23.21 -2.57
CA LEU A 256 -22.36 -23.68 -1.29
C LEU A 256 -22.92 -25.06 -1.61
N PRO A 257 -23.07 -25.92 -0.60
CA PRO A 257 -23.62 -27.18 -1.03
C PRO A 257 -24.86 -27.01 -1.96
N ASN A 258 -25.72 -26.00 -1.72
CA ASN A 258 -26.90 -25.76 -2.60
C ASN A 258 -26.60 -25.27 -4.03
N GLY A 259 -25.35 -25.29 -4.46
CA GLY A 259 -25.06 -24.83 -5.82
C GLY A 259 -24.89 -23.33 -5.97
N LYS A 260 -25.38 -22.56 -4.99
CA LYS A 260 -25.26 -21.11 -5.04
C LYS A 260 -24.06 -20.43 -4.29
N ARG A 261 -24.07 -19.09 -4.34
CA ARG A 261 -23.05 -18.25 -3.73
C ARG A 261 -23.51 -17.07 -2.93
N LEU A 262 -22.63 -16.61 -2.05
CA LEU A 262 -22.93 -15.45 -1.26
C LEU A 262 -22.81 -14.29 -2.24
N PRO A 263 -23.76 -13.37 -2.17
CA PRO A 263 -23.59 -12.29 -3.14
C PRO A 263 -22.45 -11.24 -2.74
N THR A 264 -21.78 -10.66 -3.73
CA THR A 264 -20.77 -9.61 -3.48
C THR A 264 -21.01 -8.52 -2.38
N ASP A 265 -22.27 -8.31 -1.97
CA ASP A 265 -22.56 -7.26 -0.96
C ASP A 265 -22.93 -7.84 0.36
N PHE A 266 -22.76 -9.11 0.43
CA PHE A 266 -23.07 -9.79 1.69
C PHE A 266 -22.10 -9.34 2.77
N ASN A 267 -22.59 -9.28 3.99
CA ASN A 267 -21.84 -8.90 5.10
C ASN A 267 -22.04 -9.84 6.31
N GLU A 268 -21.01 -10.59 6.70
CA GLU A 268 -21.14 -11.42 7.89
C GLU A 268 -21.07 -10.71 9.19
N GLY A 269 -20.82 -9.40 9.22
CA GLY A 269 -20.66 -8.74 10.52
C GLY A 269 -21.92 -8.40 11.28
N ALA A 270 -21.82 -7.92 12.53
CA ALA A 270 -22.99 -7.52 13.27
C ALA A 270 -23.72 -6.44 12.51
N LYS A 271 -24.55 -5.65 13.15
CA LYS A 271 -25.15 -4.63 12.32
C LYS A 271 -24.65 -3.38 13.01
N ASN A 272 -24.08 -3.62 14.18
CA ASN A 272 -23.54 -2.61 15.06
C ASN A 272 -21.96 -2.74 15.13
N ASN A 273 -21.44 -3.38 14.07
CA ASN A 273 -19.98 -3.53 13.85
C ASN A 273 -19.53 -2.08 13.63
N THR A 274 -18.45 -1.70 14.29
CA THR A 274 -18.00 -0.35 14.13
C THR A 274 -16.47 -0.36 14.04
N TYR A 275 -15.91 0.49 13.16
CA TYR A 275 -14.46 0.56 12.93
C TYR A 275 -14.04 2.03 12.66
N SER A 276 -13.13 2.53 13.49
CA SER A 276 -12.70 3.93 13.35
C SER A 276 -11.17 4.21 13.53
N ARG A 277 -10.70 5.27 12.84
CA ARG A 277 -9.28 5.62 12.88
C ARG A 277 -9.12 7.08 13.01
N ASN A 278 -8.08 7.43 13.76
CA ASN A 278 -7.74 8.84 13.97
C ASN A 278 -6.26 9.08 13.73
N GLU A 279 -5.95 10.06 12.89
CA GLU A 279 -4.56 10.38 12.53
C GLU A 279 -4.22 11.85 12.66
N LYS A 280 -3.15 12.20 13.39
CA LYS A 280 -2.60 13.58 13.46
C LYS A 280 -1.05 13.49 13.41
N MET A 281 -0.46 14.35 12.56
CA MET A 281 0.97 14.46 12.30
C MET A 281 1.50 15.90 12.07
N VAL A 282 2.74 16.15 12.50
CA VAL A 282 3.37 17.44 12.31
C VAL A 282 4.81 17.06 12.09
N GLY A 283 5.42 17.76 11.13
CA GLY A 283 6.79 17.53 10.72
C GLY A 283 7.25 18.61 9.73
N TYR A 284 8.30 18.24 8.99
CA TYR A 284 8.90 19.10 8.01
C TYR A 284 9.93 18.46 7.19
N SER A 285 10.15 19.08 6.05
CA SER A 285 11.19 18.70 5.14
C SER A 285 12.08 19.94 5.11
N PHE A 286 13.38 19.66 5.20
CA PHE A 286 14.38 20.67 5.20
C PHE A 286 15.53 20.36 4.30
N ASP A 287 15.89 21.37 3.52
CA ASP A 287 17.06 21.23 2.69
C ASP A 287 17.85 22.56 2.67
N HIS A 288 19.17 22.42 2.73
CA HIS A 288 20.09 23.57 2.62
C HIS A 288 21.39 23.22 1.84
N GLU A 289 21.58 23.91 0.71
CA GLU A 289 22.79 23.76 -0.08
C GLU A 289 23.73 24.88 0.44
N PHE A 290 24.80 24.46 1.11
CA PHE A 290 25.84 25.31 1.68
C PHE A 290 26.78 25.98 0.69
N ASN A 291 27.30 25.22 -0.27
CA ASN A 291 28.25 25.72 -1.27
C ASN A 291 28.16 24.68 -2.34
N ASP A 292 29.11 24.63 -3.27
CA ASP A 292 29.06 23.67 -4.39
C ASP A 292 29.31 22.18 -4.13
N THR A 293 29.66 21.85 -2.89
CA THR A 293 29.99 20.47 -2.61
C THR A 293 29.15 19.89 -1.45
N PHE A 294 28.56 20.78 -0.67
CA PHE A 294 27.80 20.39 0.51
C PHE A 294 26.36 20.83 0.64
N THR A 295 25.44 19.85 0.59
CA THR A 295 24.04 20.12 0.81
C THR A 295 23.61 19.29 2.01
N VAL A 296 22.79 19.87 2.88
CA VAL A 296 22.26 19.04 3.96
C VAL A 296 20.73 18.92 3.94
N ARG A 297 20.20 17.73 4.08
CA ARG A 297 18.75 17.73 4.26
C ARG A 297 18.37 16.88 5.40
N GLN A 298 17.38 17.37 6.17
CA GLN A 298 16.78 16.66 7.30
C GLN A 298 15.28 16.52 7.09
N ASN A 299 14.75 15.32 7.27
CA ASN A 299 13.29 15.03 7.18
C ASN A 299 12.83 14.60 8.51
N LEU A 300 11.84 15.25 9.08
CA LEU A 300 11.35 14.83 10.40
C LEU A 300 9.83 14.80 10.64
N ARG A 301 9.39 13.87 11.45
CA ARG A 301 7.95 13.85 11.70
C ARG A 301 7.53 13.27 13.02
N PHE A 302 6.48 13.83 13.57
CA PHE A 302 5.86 13.19 14.75
C PHE A 302 4.35 12.79 14.52
N ALA A 303 3.95 11.60 14.93
CA ALA A 303 2.52 11.29 14.77
C ALA A 303 1.94 10.60 15.97
N GLU A 304 0.65 10.87 16.16
CA GLU A 304 -0.15 10.25 17.15
C GLU A 304 -1.38 9.73 16.45
N ASN A 305 -1.51 8.40 16.39
CA ASN A 305 -2.67 7.81 15.69
C ASN A 305 -3.40 6.79 16.51
N LYS A 306 -4.69 6.72 16.26
CA LYS A 306 -5.59 5.86 16.97
C LYS A 306 -6.55 5.10 16.11
N THR A 307 -6.94 3.97 16.67
CA THR A 307 -7.97 3.15 16.11
C THR A 307 -8.82 2.33 17.14
N SER A 308 -10.12 2.15 16.82
CA SER A 308 -11.07 1.36 17.60
C SER A 308 -11.91 0.58 16.68
N GLN A 309 -12.50 -0.48 17.20
CA GLN A 309 -13.44 -1.33 16.46
C GLN A 309 -14.15 -2.30 17.38
N ASN A 310 -15.37 -2.64 16.92
CA ASN A 310 -16.29 -3.64 17.50
C ASN A 310 -16.54 -4.44 16.24
N SER A 311 -15.96 -5.61 16.13
CA SER A 311 -16.22 -6.30 14.87
C SER A 311 -16.48 -7.79 14.93
N VAL A 312 -17.60 -8.17 14.31
CA VAL A 312 -17.90 -9.55 14.25
C VAL A 312 -17.40 -9.96 12.88
N TYR A 313 -16.59 -11.03 12.86
CA TYR A 313 -16.08 -11.44 11.60
C TYR A 313 -16.21 -12.94 11.28
N GLY A 314 -16.24 -13.29 9.99
CA GLY A 314 -16.40 -14.65 9.58
C GLY A 314 -15.17 -15.45 9.91
N TYR A 315 -15.37 -16.77 10.08
CA TYR A 315 -14.31 -17.72 10.37
C TYR A 315 -14.58 -19.06 9.70
N GLY A 316 -15.08 -19.02 8.47
CA GLY A 316 -15.30 -20.22 7.71
C GLY A 316 -16.55 -20.98 8.02
N VAL A 317 -16.82 -21.95 7.14
CA VAL A 317 -17.96 -22.80 7.37
C VAL A 317 -17.58 -23.83 8.43
N CYS A 318 -18.63 -24.33 9.09
CA CYS A 318 -18.52 -25.31 10.15
C CYS A 318 -17.81 -26.57 9.78
N SER A 319 -17.77 -26.83 8.49
CA SER A 319 -17.12 -27.99 7.95
C SER A 319 -15.61 -27.78 7.76
N ASP A 320 -15.12 -26.58 8.09
CA ASP A 320 -13.71 -26.16 7.88
C ASP A 320 -12.89 -26.57 9.05
N PRO A 321 -11.74 -27.18 8.79
CA PRO A 321 -10.75 -27.68 9.75
C PRO A 321 -10.61 -26.74 10.94
N ALA A 322 -10.67 -25.46 10.62
CA ALA A 322 -10.53 -24.39 11.60
C ALA A 322 -11.63 -24.32 12.67
N ASN A 323 -12.68 -25.08 12.46
CA ASN A 323 -13.78 -25.15 13.41
C ASN A 323 -13.97 -26.59 14.01
N ALA A 324 -12.91 -27.38 13.87
CA ALA A 324 -12.85 -28.72 14.41
C ALA A 324 -13.51 -28.75 15.81
N TYR A 325 -12.98 -27.92 16.71
CA TYR A 325 -13.38 -27.73 18.11
C TYR A 325 -14.53 -26.76 18.44
N SER A 326 -15.21 -26.27 17.42
CA SER A 326 -16.31 -25.36 17.71
C SER A 326 -17.55 -26.15 18.13
N LYS A 327 -18.01 -25.89 19.34
CA LYS A 327 -19.19 -26.62 19.75
C LYS A 327 -20.43 -26.33 18.90
N GLN A 328 -20.81 -25.06 18.70
CA GLN A 328 -21.98 -24.81 17.85
C GLN A 328 -21.78 -25.52 16.48
N CYS A 329 -20.55 -25.77 16.09
CA CYS A 329 -20.39 -26.46 14.82
C CYS A 329 -20.56 -28.01 14.91
N ALA A 330 -19.99 -28.63 15.92
CA ALA A 330 -20.12 -30.08 16.09
C ALA A 330 -21.62 -30.42 16.23
N ALA A 331 -22.34 -29.56 16.94
CA ALA A 331 -23.78 -29.72 17.14
C ALA A 331 -24.69 -29.66 15.88
N LEU A 332 -24.20 -30.00 14.68
CA LEU A 332 -25.04 -29.94 13.47
C LEU A 332 -24.86 -31.19 12.66
N ALA A 333 -25.81 -31.45 11.77
CA ALA A 333 -25.76 -32.62 10.88
C ALA A 333 -24.58 -32.53 9.90
N PRO A 334 -23.60 -33.45 10.07
CA PRO A 334 -22.39 -33.55 9.25
C PRO A 334 -22.49 -32.90 7.87
N ALA A 335 -23.60 -33.20 7.19
CA ALA A 335 -23.87 -32.70 5.83
C ALA A 335 -24.29 -31.21 5.75
N ASP A 336 -24.47 -30.60 6.94
CA ASP A 336 -24.81 -29.16 7.10
C ASP A 336 -23.61 -28.31 7.42
N LYS A 337 -22.64 -28.93 8.06
CA LYS A 337 -21.47 -28.23 8.49
C LYS A 337 -20.93 -27.24 7.45
N GLY A 338 -20.98 -27.62 6.19
CA GLY A 338 -20.46 -26.82 5.08
C GLY A 338 -21.38 -25.78 4.44
N HIS A 339 -22.46 -25.36 5.12
CA HIS A 339 -23.29 -24.30 4.59
C HIS A 339 -23.71 -23.41 5.74
N TYR A 340 -22.99 -23.55 6.84
CA TYR A 340 -23.15 -22.69 8.03
C TYR A 340 -21.81 -21.94 8.30
N LEU A 341 -21.88 -20.77 8.95
CA LEU A 341 -20.67 -19.99 9.13
C LEU A 341 -20.31 -19.67 10.56
N ALA A 342 -19.07 -20.03 10.97
CA ALA A 342 -18.55 -19.81 12.31
C ALA A 342 -18.15 -18.32 12.24
N ARG A 343 -18.39 -17.59 13.31
CA ARG A 343 -18.08 -16.17 13.35
C ARG A 343 -17.40 -15.93 14.66
N LYS A 344 -16.48 -14.93 14.71
CA LYS A 344 -15.83 -14.52 15.99
C LYS A 344 -15.95 -13.03 16.20
N TYR A 345 -15.12 -12.49 17.05
CA TYR A 345 -15.25 -11.07 17.11
C TYR A 345 -14.06 -10.38 17.81
N VAL A 346 -13.98 -9.06 17.67
CA VAL A 346 -12.95 -8.34 18.40
C VAL A 346 -13.41 -6.95 18.75
N VAL A 347 -12.89 -6.50 19.88
CA VAL A 347 -13.14 -5.15 20.36
C VAL A 347 -11.74 -4.66 20.52
N ASP A 348 -11.44 -3.49 19.96
CA ASP A 348 -10.06 -3.02 20.05
C ASP A 348 -10.03 -1.54 20.33
N ASP A 349 -8.98 -1.12 21.00
CA ASP A 349 -8.73 0.29 21.29
C ASP A 349 -7.21 0.40 21.32
N GLU A 350 -6.68 1.30 20.53
CA GLU A 350 -5.25 1.46 20.42
C GLU A 350 -4.82 2.87 20.23
N LYS A 351 -3.63 3.14 20.69
CA LYS A 351 -3.14 4.48 20.46
C LYS A 351 -1.63 4.46 20.39
N LEU A 352 -1.05 5.05 19.31
CA LEU A 352 0.38 5.14 19.09
C LEU A 352 1.04 6.47 18.79
N GLN A 353 2.33 6.56 19.14
CA GLN A 353 3.09 7.74 18.81
C GLN A 353 4.26 7.23 18.07
N ASN A 354 4.67 7.99 17.06
CA ASN A 354 5.78 7.62 16.16
C ASN A 354 6.55 8.88 15.85
N PHE A 355 7.83 8.84 16.18
CA PHE A 355 8.69 9.97 15.88
C PHE A 355 9.81 9.53 14.93
N SER A 356 10.15 10.42 14.00
CA SER A 356 11.19 10.12 13.00
C SER A 356 11.96 11.32 12.59
N VAL A 357 13.26 11.14 12.35
CA VAL A 357 14.16 12.18 11.85
C VAL A 357 15.19 11.42 11.04
N ASP A 358 15.52 11.93 9.86
CA ASP A 358 16.56 11.33 9.02
C ASP A 358 17.36 12.57 8.67
N THR A 359 18.67 12.49 8.87
CA THR A 359 19.49 13.61 8.58
C THR A 359 20.55 13.11 7.68
N GLN A 360 20.81 13.86 6.63
CA GLN A 360 21.78 13.47 5.66
C GLN A 360 22.57 14.64 5.11
N LEU A 361 23.80 14.34 4.74
CA LEU A 361 24.77 15.27 4.19
C LEU A 361 25.14 14.70 2.88
N GLN A 362 25.00 15.48 1.81
CA GLN A 362 25.32 15.04 0.42
C GLN A 362 26.56 15.84 0.02
N SER A 363 27.61 15.12 -0.43
CA SER A 363 28.86 15.78 -0.81
C SER A 363 29.11 15.37 -2.22
N LYS A 364 29.12 16.35 -3.12
CA LYS A 364 29.41 16.09 -4.54
C LYS A 364 30.90 16.48 -4.65
N PHE A 365 31.67 15.72 -5.43
CA PHE A 365 33.07 16.05 -5.68
C PHE A 365 33.67 15.08 -6.64
N ALA A 366 34.81 15.47 -7.19
CA ALA A 366 35.50 14.60 -8.14
C ALA A 366 36.83 13.99 -7.64
N THR A 367 37.17 12.98 -8.41
CA THR A 367 38.32 12.16 -8.20
C THR A 367 38.81 12.00 -9.64
N GLY A 368 39.53 13.01 -10.09
CA GLY A 368 40.02 12.99 -11.45
C GLY A 368 38.86 13.00 -12.42
N ASP A 369 38.64 11.88 -13.11
CA ASP A 369 37.54 11.83 -14.06
C ASP A 369 36.34 11.09 -13.55
N ILE A 370 36.33 10.94 -12.25
CA ILE A 370 35.30 10.25 -11.54
C ILE A 370 34.56 11.21 -10.62
N ASP A 371 33.27 11.38 -10.89
CA ASP A 371 32.44 12.25 -10.06
C ASP A 371 31.65 11.49 -9.05
N HIS A 372 31.56 12.06 -7.86
CA HIS A 372 30.84 11.38 -6.79
C HIS A 372 29.74 12.16 -6.12
N THR A 373 28.73 11.40 -5.77
CA THR A 373 27.68 11.95 -4.99
C THR A 373 27.76 10.98 -3.79
N LEU A 374 28.17 11.56 -2.69
CA LEU A 374 28.40 10.79 -1.49
C LEU A 374 27.42 11.05 -0.41
N LEU A 375 26.61 10.04 -0.12
CA LEU A 375 25.63 10.23 0.90
C LEU A 375 26.04 9.64 2.21
N THR A 376 25.89 10.44 3.23
CA THR A 376 26.22 9.90 4.52
C THR A 376 25.10 10.44 5.38
N GLY A 377 24.43 9.55 6.14
CA GLY A 377 23.37 9.98 7.04
C GLY A 377 23.01 9.12 8.23
N VAL A 378 22.24 9.71 9.16
CA VAL A 378 21.76 9.00 10.34
C VAL A 378 20.22 9.12 10.37
N ASP A 379 19.57 7.97 10.57
CA ASP A 379 18.13 7.79 10.57
C ASP A 379 17.70 7.24 11.91
N PHE A 380 16.67 7.85 12.49
CA PHE A 380 16.15 7.38 13.72
C PHE A 380 14.63 7.35 13.85
N MET A 381 14.07 6.36 14.52
CA MET A 381 12.63 6.38 14.85
C MET A 381 12.35 5.60 16.10
N ARG A 382 11.25 5.91 16.77
CA ARG A 382 10.74 5.16 17.90
C ARG A 382 9.19 5.12 17.69
N MET A 383 8.60 3.98 17.97
CA MET A 383 7.19 3.83 17.86
C MET A 383 6.68 3.15 19.11
N ARG A 384 5.52 3.62 19.55
CA ARG A 384 4.89 3.05 20.67
C ARG A 384 3.45 2.85 20.35
N ASN A 385 2.96 1.63 20.66
CA ASN A 385 1.57 1.35 20.44
C ASN A 385 1.00 0.63 21.64
N ASP A 386 -0.08 1.19 22.15
CA ASP A 386 -0.72 0.65 23.31
C ASP A 386 -2.08 -0.03 22.95
N ILE A 387 -2.10 -1.34 23.08
CA ILE A 387 -3.27 -2.07 22.71
C ILE A 387 -4.00 -2.62 23.89
N ASN A 388 -5.32 -2.50 23.79
CA ASN A 388 -6.29 -2.98 24.73
C ASN A 388 -7.54 -3.55 23.97
N ALA A 389 -7.50 -4.85 23.71
CA ALA A 389 -8.56 -5.52 23.00
C ALA A 389 -9.10 -6.73 23.76
N TRP A 390 -10.00 -7.41 23.08
CA TRP A 390 -10.73 -8.56 23.57
C TRP A 390 -11.13 -9.40 22.35
N PHE A 391 -10.85 -10.69 22.39
CA PHE A 391 -11.23 -11.56 21.28
C PHE A 391 -12.15 -12.75 21.56
N GLY A 392 -13.24 -12.82 20.78
CA GLY A 392 -14.15 -13.94 20.84
C GLY A 392 -13.38 -15.14 20.30
N TYR A 393 -13.51 -16.32 20.94
CA TYR A 393 -12.85 -17.51 20.44
C TYR A 393 -13.90 -18.39 19.82
N ASP A 394 -13.62 -19.69 19.79
CA ASP A 394 -14.55 -20.58 19.18
C ASP A 394 -16.01 -20.47 19.42
N ASP A 395 -16.54 -20.30 20.61
CA ASP A 395 -18.02 -20.20 20.41
C ASP A 395 -18.59 -18.93 20.90
N SER A 396 -17.95 -17.85 20.49
CA SER A 396 -18.34 -16.55 20.91
C SER A 396 -19.48 -15.89 20.10
N VAL A 397 -19.89 -16.41 18.96
CA VAL A 397 -20.96 -15.67 18.28
C VAL A 397 -21.83 -16.57 17.43
N PRO A 398 -23.11 -16.23 17.33
CA PRO A 398 -24.09 -17.01 16.56
C PRO A 398 -23.57 -17.53 15.26
N LEU A 399 -24.26 -18.44 14.62
CA LEU A 399 -23.73 -18.93 13.35
C LEU A 399 -24.58 -18.33 12.25
N LEU A 400 -24.28 -18.63 10.99
CA LEU A 400 -25.16 -18.12 9.95
C LEU A 400 -25.39 -19.15 8.85
N ASN A 401 -26.64 -19.22 8.44
CA ASN A 401 -26.94 -20.12 7.39
C ASN A 401 -26.73 -19.27 6.18
N LEU A 402 -25.93 -19.80 5.28
CA LEU A 402 -25.62 -19.12 4.04
C LEU A 402 -26.59 -19.50 2.95
N TYR A 403 -27.59 -20.32 3.31
CA TYR A 403 -28.66 -20.71 2.40
C TYR A 403 -29.63 -19.54 2.12
N ASN A 404 -30.22 -18.85 3.12
CA ASN A 404 -31.10 -17.74 2.73
C ASN A 404 -30.21 -16.76 1.90
N PRO A 405 -29.11 -16.24 2.48
CA PRO A 405 -28.17 -15.32 1.83
C PRO A 405 -27.92 -15.65 0.38
N SER A 406 -27.72 -16.94 0.13
CA SER A 406 -27.44 -17.49 -1.17
C SER A 406 -28.55 -17.34 -2.24
N SER A 407 -29.76 -16.99 -1.82
CA SER A 407 -30.80 -16.89 -2.81
C SER A 407 -30.52 -15.95 -3.99
N HIS A 408 -31.17 -16.23 -5.11
CA HIS A 408 -31.14 -15.34 -6.28
C HIS A 408 -31.95 -14.09 -5.77
N HIS A 409 -32.87 -14.27 -4.81
CA HIS A 409 -33.58 -13.10 -4.36
C HIS A 409 -32.57 -12.03 -3.99
N HIS A 410 -31.64 -12.41 -3.14
CA HIS A 410 -30.65 -11.47 -2.63
C HIS A 410 -29.66 -10.99 -3.69
N HIS A 411 -29.12 -11.87 -4.51
CA HIS A 411 -28.23 -11.39 -5.57
C HIS A 411 -28.99 -10.36 -6.38
N HIS A 412 -30.29 -10.46 -6.29
CA HIS A 412 -31.07 -9.55 -7.06
C HIS A 412 -31.72 -8.42 -6.21
N HIS A 413 -32.28 -8.63 -5.05
CA HIS A 413 -32.77 -7.41 -4.43
C HIS A 413 -31.92 -6.90 -3.26
N GLY A 414 -30.67 -7.43 -3.24
CA GLY A 414 -29.65 -7.09 -2.24
C GLY A 414 -29.55 -7.94 -0.99
N SER A 415 -28.40 -7.88 -0.28
CA SER A 415 -28.24 -8.66 0.95
C SER A 415 -29.05 -8.04 2.03
N SER A 416 -29.09 -8.70 3.15
CA SER A 416 -29.86 -8.18 4.24
C SER A 416 -28.92 -8.10 5.41
N VAL A 417 -29.00 -6.98 6.11
CA VAL A 417 -28.17 -6.71 7.27
C VAL A 417 -28.43 -7.86 8.25
N ASN A 418 -27.49 -8.15 9.15
CA ASN A 418 -27.68 -9.20 10.15
C ASN A 418 -28.21 -8.52 11.37
N THR A 419 -27.92 -9.00 12.57
CA THR A 419 -28.54 -8.38 13.73
C THR A 419 -27.47 -7.87 14.64
N ASP A 420 -27.79 -7.12 15.72
CA ASP A 420 -26.79 -6.58 16.61
C ASP A 420 -25.87 -7.70 17.23
N PHE A 421 -25.20 -7.44 18.35
CA PHE A 421 -24.33 -8.43 18.99
C PHE A 421 -23.85 -7.72 20.20
N ASP A 422 -23.93 -8.33 21.36
CA ASP A 422 -23.45 -7.62 22.54
C ASP A 422 -21.94 -7.73 22.56
N PHE A 423 -21.31 -6.58 22.41
CA PHE A 423 -19.90 -6.53 22.38
C PHE A 423 -19.44 -6.36 23.77
N ASN A 424 -20.36 -6.14 24.70
CA ASN A 424 -19.93 -5.94 26.08
C ASN A 424 -20.02 -7.14 26.94
N ALA A 425 -20.96 -7.98 26.64
CA ALA A 425 -21.06 -9.16 27.45
C ALA A 425 -19.80 -9.92 27.15
N LYS A 426 -18.74 -9.79 27.94
CA LYS A 426 -17.61 -10.56 27.49
C LYS A 426 -17.46 -11.79 28.30
N ASP A 427 -18.05 -12.86 27.78
CA ASP A 427 -18.02 -14.16 28.45
C ASP A 427 -16.61 -14.75 28.44
N PRO A 428 -16.01 -14.91 29.63
CA PRO A 428 -14.67 -15.44 29.93
C PRO A 428 -14.57 -16.86 29.47
N ALA A 429 -15.75 -17.35 29.15
CA ALA A 429 -15.99 -18.69 28.69
C ALA A 429 -15.39 -18.93 27.34
N ASN A 430 -15.86 -18.15 26.39
CA ASN A 430 -15.51 -18.23 24.97
C ASN A 430 -14.73 -16.99 24.46
N SER A 431 -14.19 -16.18 25.38
CA SER A 431 -13.58 -14.92 24.98
C SER A 431 -12.51 -14.41 25.91
N GLY A 432 -11.62 -13.59 25.41
CA GLY A 432 -10.59 -13.16 26.32
C GLY A 432 -10.10 -11.76 26.10
N PRO A 433 -9.23 -11.28 26.95
CA PRO A 433 -8.66 -9.94 26.85
C PRO A 433 -7.30 -10.11 26.25
N TYR A 434 -6.88 -9.07 25.50
CA TYR A 434 -5.56 -8.98 24.85
C TYR A 434 -5.10 -7.56 25.18
N ARG A 435 -4.03 -7.43 25.98
CA ARG A 435 -3.53 -6.06 26.35
C ARG A 435 -2.01 -6.01 26.18
N ILE A 436 -1.59 -5.26 25.18
CA ILE A 436 -0.20 -5.27 24.86
C ILE A 436 0.22 -3.87 24.65
N LEU A 437 1.49 -3.62 24.93
CA LEU A 437 2.08 -2.34 24.76
C LEU A 437 3.36 -2.65 24.06
N ASN A 438 3.41 -2.30 22.77
CA ASN A 438 4.61 -2.54 21.94
C ASN A 438 5.42 -1.30 21.74
N LYS A 439 6.75 -1.49 21.66
CA LYS A 439 7.71 -0.39 21.48
C LYS A 439 8.68 -0.86 20.51
N GLN A 440 9.14 0.05 19.66
CA GLN A 440 10.20 -0.23 18.65
C GLN A 440 11.09 1.01 18.60
N LYS A 441 12.38 0.84 18.25
CA LYS A 441 13.40 1.88 18.13
C LYS A 441 14.34 1.35 17.06
N GLN A 442 14.93 2.26 16.28
CA GLN A 442 15.87 1.86 15.24
C GLN A 442 16.67 3.09 14.98
N THR A 443 17.98 2.90 14.97
CA THR A 443 18.89 3.99 14.72
C THR A 443 19.74 3.35 13.71
N GLY A 444 19.94 4.01 12.59
CA GLY A 444 20.77 3.44 11.55
C GLY A 444 21.69 4.52 11.02
N VAL A 445 22.86 4.09 10.51
CA VAL A 445 23.83 4.99 9.90
C VAL A 445 24.15 4.33 8.58
N TYR A 446 24.13 5.13 7.51
CA TYR A 446 24.37 4.55 6.19
C TYR A 446 25.27 5.48 5.34
N VAL A 447 25.87 4.93 4.30
CA VAL A 447 26.75 5.68 3.49
C VAL A 447 26.58 5.15 2.14
N GLN A 448 26.60 6.03 1.15
CA GLN A 448 26.53 5.55 -0.22
C GLN A 448 27.09 6.58 -1.16
N ASP A 449 27.60 6.03 -2.27
CA ASP A 449 28.20 6.82 -3.31
C ASP A 449 27.66 6.44 -4.63
N GLN A 450 27.38 7.49 -5.35
CA GLN A 450 26.96 7.34 -6.73
C GLN A 450 28.19 8.01 -7.35
N ALA A 451 28.91 7.17 -8.10
CA ALA A 451 30.14 7.54 -8.77
C ALA A 451 29.92 7.34 -10.24
N GLN A 452 30.17 8.40 -10.98
CA GLN A 452 29.99 8.36 -12.43
C GLN A 452 31.31 8.71 -13.08
N TRP A 453 31.68 7.84 -13.99
CA TRP A 453 32.90 7.96 -14.73
C TRP A 453 32.46 7.70 -16.15
N ASP A 454 32.10 8.81 -16.77
CA ASP A 454 31.63 8.86 -18.13
C ASP A 454 30.35 8.14 -18.35
N LYS A 455 30.31 7.05 -19.08
CA LYS A 455 28.99 6.42 -19.27
C LYS A 455 28.61 5.33 -18.22
N VAL A 456 29.42 5.32 -17.17
CA VAL A 456 29.24 4.39 -16.09
C VAL A 456 28.84 5.10 -14.82
N LEU A 457 27.81 4.54 -14.21
CA LEU A 457 27.34 5.03 -12.97
C LEU A 457 27.42 3.83 -12.06
N VAL A 458 28.02 4.03 -10.91
CA VAL A 458 28.15 2.93 -10.02
C VAL A 458 27.55 3.32 -8.69
N THR A 459 26.60 2.53 -8.22
CA THR A 459 26.06 2.88 -6.96
C THR A 459 26.52 1.88 -5.92
N LEU A 460 26.95 2.36 -4.78
CA LEU A 460 27.32 1.38 -3.79
C LEU A 460 27.34 2.03 -2.44
N GLY A 461 26.83 1.31 -1.45
CA GLY A 461 26.82 1.82 -0.08
C GLY A 461 26.37 0.73 0.91
N GLY A 462 26.20 1.10 2.17
CA GLY A 462 25.77 0.10 3.12
C GLY A 462 25.11 0.85 4.26
N ARG A 463 24.44 0.12 5.15
CA ARG A 463 23.77 0.76 6.28
C ARG A 463 23.89 -0.22 7.38
N TYR A 464 23.86 0.29 8.62
CA TYR A 464 23.97 -0.54 9.80
C TYR A 464 22.87 -0.08 10.69
N ASP A 465 22.11 -1.03 11.22
CA ASP A 465 20.99 -0.72 12.09
C ASP A 465 20.97 -1.29 13.52
N TRP A 466 20.48 -0.48 14.44
CA TRP A 466 20.26 -0.83 15.81
C TRP A 466 18.75 -0.86 15.94
N ALA A 467 18.21 -2.06 15.88
CA ALA A 467 16.78 -2.23 15.94
C ALA A 467 16.32 -2.88 17.21
N ASP A 468 15.91 -2.07 18.16
CA ASP A 468 15.47 -2.68 19.36
C ASP A 468 13.98 -2.58 19.68
N GLN A 469 13.46 -3.68 20.17
CA GLN A 469 12.05 -3.79 20.57
C GLN A 469 11.84 -4.33 21.95
N GLU A 470 10.68 -4.01 22.47
CA GLU A 470 10.30 -4.46 23.75
C GLU A 470 8.78 -4.57 23.75
N SER A 471 8.28 -5.69 24.25
CA SER A 471 6.85 -5.89 24.34
C SER A 471 6.27 -6.21 25.79
N LEU A 472 5.36 -5.41 26.29
CA LEU A 472 4.80 -5.71 27.57
C LEU A 472 3.36 -6.30 27.41
N ASN A 473 3.11 -7.44 28.05
CA ASN A 473 1.80 -8.05 28.03
C ASN A 473 1.11 -7.72 29.40
N ARG A 474 0.22 -6.75 29.36
CA ARG A 474 -0.40 -6.32 30.56
C ARG A 474 -1.26 -7.40 31.19
N VAL A 475 -1.88 -8.28 30.37
CA VAL A 475 -2.71 -9.40 30.88
C VAL A 475 -1.80 -10.50 31.55
N ALA A 476 -0.69 -10.86 30.97
CA ALA A 476 0.16 -11.88 31.60
C ALA A 476 1.19 -11.21 32.45
N GLY A 477 1.15 -9.88 32.44
CA GLY A 477 2.16 -9.16 33.16
C GLY A 477 3.54 -9.57 32.65
N THR A 478 3.75 -9.99 31.41
CA THR A 478 5.14 -10.34 31.07
C THR A 478 5.85 -9.40 30.07
N THR A 479 7.19 -9.55 29.92
CA THR A 479 7.92 -8.68 29.02
C THR A 479 8.96 -9.28 28.10
N ASP A 480 8.75 -9.14 26.80
CA ASP A 480 9.67 -9.66 25.79
C ASP A 480 10.50 -8.57 25.12
N LYS A 481 11.81 -8.83 25.03
CA LYS A 481 12.72 -7.88 24.46
C LYS A 481 13.76 -8.52 23.58
N ARG A 482 14.28 -7.73 22.63
CA ARG A 482 15.33 -8.12 21.71
C ARG A 482 15.78 -6.85 21.08
N ASP A 483 17.08 -6.78 20.83
CA ASP A 483 17.77 -5.63 20.22
C ASP A 483 18.49 -6.29 19.08
N ASP A 484 18.37 -5.83 17.84
CA ASP A 484 19.12 -6.53 16.79
C ASP A 484 20.10 -5.53 16.39
N LYS A 485 21.12 -6.04 15.68
CA LYS A 485 22.21 -5.27 15.18
C LYS A 485 22.37 -5.84 13.80
N GLN A 486 22.24 -4.98 12.79
CA GLN A 486 22.29 -5.42 11.38
C GLN A 486 22.98 -4.48 10.40
N PHE A 487 23.52 -5.12 9.36
CA PHE A 487 24.23 -4.49 8.29
C PHE A 487 23.55 -5.02 7.07
N THR A 488 23.54 -4.23 6.02
CA THR A 488 22.90 -4.56 4.77
C THR A 488 23.69 -3.56 3.91
N TRP A 489 23.82 -3.92 2.63
CA TRP A 489 24.50 -3.07 1.67
C TRP A 489 23.93 -3.43 0.31
N ARG A 490 24.29 -2.62 -0.67
CA ARG A 490 23.78 -2.79 -1.96
C ARG A 490 24.80 -2.09 -2.80
N GLY A 491 24.89 -2.59 -4.03
CA GLY A 491 25.78 -2.05 -5.03
C GLY A 491 25.25 -2.45 -6.42
N GLY A 492 25.54 -1.59 -7.41
CA GLY A 492 25.10 -1.82 -8.78
C GLY A 492 25.63 -0.80 -9.79
N VAL A 493 25.42 -1.15 -11.06
CA VAL A 493 25.90 -0.33 -12.15
C VAL A 493 24.79 -0.14 -13.15
N ASN A 494 24.76 1.07 -13.69
CA ASN A 494 23.86 1.46 -14.77
C ASN A 494 24.75 2.03 -15.81
N TYR A 495 24.66 1.49 -17.04
CA TYR A 495 25.48 1.97 -18.13
C TYR A 495 24.64 2.90 -18.98
N LEU A 496 25.08 4.14 -19.10
CA LEU A 496 24.27 5.09 -19.84
C LEU A 496 24.61 5.39 -21.33
N PHE A 497 23.79 4.86 -22.25
CA PHE A 497 23.94 5.04 -23.72
C PHE A 497 23.09 6.23 -24.15
N ASP A 498 23.69 7.26 -24.73
CA ASP A 498 22.97 8.43 -25.18
C ASP A 498 21.78 8.24 -26.13
N ASN A 499 21.60 7.07 -26.71
CA ASN A 499 20.44 6.88 -27.58
C ASN A 499 19.25 6.76 -26.64
N GLY A 500 19.57 6.54 -25.35
CA GLY A 500 18.59 6.38 -24.28
C GLY A 500 18.43 4.91 -23.90
N VAL A 501 19.49 4.30 -23.41
CA VAL A 501 19.39 2.90 -23.05
C VAL A 501 20.24 2.70 -21.84
N THR A 502 19.57 2.32 -20.78
CA THR A 502 20.33 2.15 -19.59
C THR A 502 20.14 0.76 -19.08
N PRO A 503 21.19 -0.03 -19.25
CA PRO A 503 21.21 -1.42 -18.82
C PRO A 503 21.70 -1.28 -17.43
N TYR A 504 21.23 -2.14 -16.55
CA TYR A 504 21.77 -2.03 -15.22
C TYR A 504 21.70 -3.36 -14.56
N PHE A 505 22.37 -3.42 -13.41
CA PHE A 505 22.17 -4.58 -12.60
C PHE A 505 22.67 -4.20 -11.19
N SER A 506 22.37 -5.08 -10.23
CA SER A 506 22.76 -4.83 -8.84
C SER A 506 22.38 -5.96 -7.91
N TYR A 507 22.91 -5.85 -6.70
CA TYR A 507 22.65 -6.82 -5.65
C TYR A 507 22.22 -5.93 -4.49
N SER A 508 21.21 -6.38 -3.73
CA SER A 508 20.74 -5.60 -2.58
C SER A 508 20.17 -6.40 -1.43
N GLU A 509 20.23 -5.85 -0.24
CA GLU A 509 19.68 -6.55 0.91
C GLU A 509 18.81 -5.69 1.79
N SER A 510 18.08 -6.43 2.65
CA SER A 510 17.12 -5.93 3.64
C SER A 510 17.06 -6.91 4.75
N PHE A 511 16.63 -6.46 5.92
CA PHE A 511 16.45 -7.34 7.08
C PHE A 511 15.18 -6.89 7.81
N GLU A 512 14.62 -7.77 8.64
CA GLU A 512 13.36 -7.47 9.32
C GLU A 512 13.26 -8.26 10.59
N PRO A 513 13.22 -7.57 11.74
CA PRO A 513 13.11 -8.30 13.00
C PRO A 513 11.80 -9.08 13.09
N SER A 514 11.80 -10.09 13.94
CA SER A 514 10.62 -10.88 14.18
C SER A 514 10.03 -10.27 15.42
N SER A 515 8.80 -10.56 15.75
CA SER A 515 8.21 -10.02 16.96
C SER A 515 7.65 -11.26 17.73
N GLN A 516 7.63 -12.40 17.03
CA GLN A 516 7.19 -13.69 17.51
C GLN A 516 8.20 -14.26 18.50
N VAL A 517 7.68 -15.13 19.36
CA VAL A 517 8.55 -15.69 20.37
C VAL A 517 8.46 -17.21 20.31
N GLY A 518 9.64 -17.83 20.25
CA GLY A 518 9.78 -19.28 20.12
C GLY A 518 9.56 -20.22 21.30
N LYS A 519 9.93 -21.49 21.12
CA LYS A 519 9.69 -22.42 22.23
C LYS A 519 10.54 -22.03 23.43
N ASP A 520 11.71 -21.47 23.18
CA ASP A 520 12.54 -21.14 24.30
C ASP A 520 12.22 -19.83 25.02
N GLY A 521 11.04 -19.24 24.80
CA GLY A 521 10.69 -17.97 25.45
C GLY A 521 11.41 -16.71 24.92
N ASN A 522 12.08 -16.82 23.79
CA ASN A 522 12.77 -15.70 23.22
C ASN A 522 12.17 -15.23 21.89
N ILE A 523 12.57 -14.03 21.48
CA ILE A 523 12.07 -13.48 20.24
C ILE A 523 12.98 -13.99 19.15
N PHE A 524 12.43 -14.55 18.08
CA PHE A 524 13.28 -15.05 17.00
C PHE A 524 14.23 -14.00 16.42
N ALA A 525 15.15 -14.45 15.60
CA ALA A 525 16.12 -13.56 15.03
C ALA A 525 15.44 -12.99 13.79
N PRO A 526 16.02 -11.94 13.19
CA PRO A 526 15.56 -11.24 11.99
C PRO A 526 15.41 -12.13 10.78
N SER A 527 14.68 -11.69 9.77
CA SER A 527 14.63 -12.52 8.59
C SER A 527 15.37 -11.63 7.63
N LYS A 528 15.88 -12.20 6.56
CA LYS A 528 16.66 -11.37 5.69
C LYS A 528 16.25 -11.40 4.24
N GLY A 529 16.62 -10.32 3.54
CA GLY A 529 16.36 -10.16 2.12
C GLY A 529 17.62 -10.13 1.25
N LYS A 530 17.65 -10.97 0.20
CA LYS A 530 18.76 -11.09 -0.73
C LYS A 530 18.19 -11.05 -2.15
N GLN A 531 18.56 -10.01 -2.92
CA GLN A 531 18.09 -9.81 -4.31
C GLN A 531 19.19 -9.47 -5.35
N TYR A 532 19.15 -10.26 -6.41
CA TYR A 532 20.03 -10.09 -7.60
C TYR A 532 19.07 -9.55 -8.67
N GLU A 533 19.36 -8.38 -9.24
CA GLU A 533 18.44 -7.91 -10.28
C GLU A 533 19.24 -7.42 -11.46
N VAL A 534 18.71 -7.60 -12.67
CA VAL A 534 19.36 -7.05 -13.85
C VAL A 534 18.24 -6.65 -14.78
N GLY A 535 18.49 -5.69 -15.66
CA GLY A 535 17.45 -5.32 -16.60
C GLY A 535 17.84 -4.03 -17.30
N VAL A 536 17.01 -3.57 -18.21
CA VAL A 536 17.33 -2.29 -18.83
C VAL A 536 16.22 -1.24 -18.80
N LYS A 537 16.66 0.00 -18.86
CA LYS A 537 15.77 1.13 -18.80
C LYS A 537 15.93 2.05 -20.04
N TYR A 538 14.84 2.14 -20.80
CA TYR A 538 14.84 2.97 -21.98
C TYR A 538 14.18 4.25 -21.59
N VAL A 539 15.03 5.22 -21.30
CA VAL A 539 14.56 6.52 -20.89
C VAL A 539 15.09 7.54 -21.85
N PRO A 540 14.48 7.66 -23.04
CA PRO A 540 14.88 8.62 -24.07
C PRO A 540 14.70 10.10 -23.71
N GLU A 541 15.75 10.88 -23.88
CA GLU A 541 15.64 12.29 -23.55
C GLU A 541 14.89 13.14 -24.59
N ASP A 542 14.72 12.60 -25.79
CA ASP A 542 14.04 13.35 -26.86
C ASP A 542 12.53 13.24 -26.90
N ARG A 543 12.02 12.01 -26.86
CA ARG A 543 10.57 11.77 -26.91
C ARG A 543 10.05 11.39 -25.52
N PRO A 544 8.74 11.61 -25.27
CA PRO A 544 8.15 11.29 -23.97
C PRO A 544 7.75 9.81 -23.85
N ILE A 545 8.76 8.98 -23.62
CA ILE A 545 8.48 7.60 -23.42
C ILE A 545 9.40 7.08 -22.34
N VAL A 546 9.00 6.00 -21.67
CA VAL A 546 9.82 5.34 -20.66
C VAL A 546 9.42 3.88 -20.79
N VAL A 547 10.42 3.02 -20.77
CA VAL A 547 10.15 1.60 -20.87
C VAL A 547 11.23 1.00 -20.02
N THR A 548 10.80 0.12 -19.15
CA THR A 548 11.72 -0.53 -18.27
C THR A 548 11.40 -2.00 -18.35
N GLY A 549 12.45 -2.78 -18.06
CA GLY A 549 12.32 -4.21 -18.03
C GLY A 549 13.32 -4.67 -16.97
N ALA A 550 12.92 -5.69 -16.21
CA ALA A 550 13.83 -6.17 -15.22
C ALA A 550 13.45 -7.60 -14.94
N VAL A 551 14.48 -8.34 -14.49
CA VAL A 551 14.36 -9.74 -14.06
C VAL A 551 15.25 -9.83 -12.82
N TYR A 552 14.78 -10.61 -11.87
CA TYR A 552 15.42 -10.66 -10.56
C TYR A 552 15.25 -11.95 -9.78
N ASN A 553 16.18 -12.18 -8.86
CA ASN A 553 16.10 -13.32 -7.95
C ASN A 553 16.06 -12.72 -6.54
N LEU A 554 14.94 -12.91 -5.85
CA LEU A 554 14.77 -12.38 -4.48
C LEU A 554 14.55 -13.47 -3.45
N THR A 555 15.36 -13.43 -2.40
CA THR A 555 15.28 -14.46 -1.38
C THR A 555 15.20 -14.00 0.05
N LYS A 556 14.23 -14.58 0.73
CA LYS A 556 13.97 -14.27 2.12
C LYS A 556 14.39 -15.45 2.96
N THR A 557 15.26 -15.23 3.91
CA THR A 557 15.71 -16.33 4.74
C THR A 557 15.38 -16.14 6.21
N ASN A 558 15.25 -17.26 6.86
CA ASN A 558 14.93 -17.25 8.25
C ASN A 558 13.46 -16.89 8.38
N ASN A 559 12.70 -17.47 7.50
CA ASN A 559 11.30 -17.27 7.53
C ASN A 559 10.80 -18.16 8.68
N LEU A 560 9.97 -17.64 9.56
CA LEU A 560 9.46 -18.50 10.61
C LEU A 560 8.56 -19.59 10.01
N MET A 561 8.74 -20.85 10.46
CA MET A 561 7.92 -21.96 9.98
C MET A 561 7.35 -22.87 11.08
N ALA A 562 6.76 -23.97 10.66
CA ALA A 562 6.15 -24.83 11.66
C ALA A 562 7.19 -25.68 12.31
N ASP A 563 6.96 -25.88 13.62
CA ASP A 563 7.82 -26.69 14.44
C ASP A 563 7.81 -28.07 13.88
N PRO A 564 8.94 -28.51 13.29
CA PRO A 564 9.01 -29.84 12.72
C PRO A 564 8.41 -30.89 13.70
N GLU A 565 8.43 -30.57 15.00
CA GLU A 565 7.94 -31.49 16.02
C GLU A 565 6.59 -31.30 16.69
N GLY A 566 5.60 -30.81 15.93
CA GLY A 566 4.24 -30.63 16.43
C GLY A 566 3.79 -29.67 17.53
N SER A 567 4.65 -28.78 18.02
CA SER A 567 4.21 -27.85 19.07
C SER A 567 3.44 -26.66 18.53
N PHE A 568 3.13 -25.77 19.46
CA PHE A 568 2.41 -24.58 19.09
C PHE A 568 3.32 -23.39 18.76
N PHE A 569 4.62 -23.67 18.67
CA PHE A 569 5.56 -22.63 18.36
C PHE A 569 6.07 -22.79 16.97
N SER A 570 6.67 -21.70 16.50
CA SER A 570 7.23 -21.68 15.18
C SER A 570 8.67 -21.97 15.42
N VAL A 571 9.40 -22.04 14.34
CA VAL A 571 10.80 -22.39 14.42
C VAL A 571 11.30 -21.61 13.27
N GLU A 572 12.59 -21.33 13.25
CA GLU A 572 13.12 -20.50 12.20
C GLU A 572 13.85 -21.23 11.04
N GLY A 573 14.73 -20.54 10.33
CA GLY A 573 15.38 -21.22 9.22
C GLY A 573 14.54 -21.46 7.98
N GLY A 574 13.28 -21.07 7.92
CA GLY A 574 12.54 -21.30 6.68
C GLY A 574 13.06 -20.40 5.58
N GLU A 575 12.77 -20.71 4.33
CA GLU A 575 13.25 -19.85 3.28
C GLU A 575 12.29 -19.74 2.08
N ILE A 576 12.00 -18.52 1.58
CA ILE A 576 11.15 -18.36 0.38
C ILE A 576 11.88 -17.66 -0.76
N ARG A 577 11.66 -18.14 -1.99
CA ARG A 577 12.19 -17.50 -3.19
C ARG A 577 11.12 -16.98 -4.21
N ALA A 578 11.40 -15.83 -4.80
CA ALA A 578 10.64 -15.16 -5.84
C ALA A 578 11.64 -14.74 -6.99
N ARG A 579 11.44 -15.36 -8.15
CA ARG A 579 12.23 -15.03 -9.32
C ARG A 579 11.18 -14.40 -10.17
N GLY A 580 11.52 -13.33 -10.90
CA GLY A 580 10.45 -12.76 -11.72
C GLY A 580 10.89 -11.83 -12.81
N VAL A 581 9.88 -11.42 -13.59
CA VAL A 581 10.08 -10.48 -14.67
C VAL A 581 9.05 -9.35 -14.65
N GLU A 582 9.52 -8.14 -14.83
CA GLU A 582 8.63 -7.01 -14.80
C GLU A 582 8.91 -6.07 -15.94
N ILE A 583 7.86 -5.69 -16.66
CA ILE A 583 8.13 -4.67 -17.62
C ILE A 583 7.03 -3.65 -17.48
N GLU A 584 7.48 -2.39 -17.49
CA GLU A 584 6.61 -1.24 -17.43
C GLU A 584 6.86 -0.38 -18.66
N ALA A 585 5.82 0.32 -19.07
CA ALA A 585 5.93 1.16 -20.21
C ALA A 585 4.86 2.27 -20.18
N LYS A 586 5.31 3.52 -20.46
CA LYS A 586 4.48 4.74 -20.47
C LYS A 586 4.97 5.61 -21.64
N ALA A 587 4.05 6.15 -22.44
CA ALA A 587 4.47 6.96 -23.60
C ALA A 587 3.35 7.78 -24.20
N ALA A 588 3.69 8.97 -24.70
CA ALA A 588 2.69 9.81 -25.39
C ALA A 588 2.70 9.22 -26.84
N LEU A 589 1.57 8.81 -27.38
CA LEU A 589 1.64 8.22 -28.72
C LEU A 589 1.34 9.17 -29.90
N SER A 590 0.83 10.36 -29.58
CA SER A 590 0.43 11.36 -30.56
C SER A 590 0.01 12.45 -29.60
N ALA A 591 -0.15 13.70 -30.00
CA ALA A 591 -0.53 14.64 -28.94
C ALA A 591 -1.95 14.43 -28.34
N SER A 592 -2.69 13.46 -28.86
CA SER A 592 -4.05 13.21 -28.31
C SER A 592 -4.25 11.87 -27.59
N VAL A 593 -3.24 11.00 -27.75
CA VAL A 593 -3.20 9.65 -27.23
C VAL A 593 -2.02 9.31 -26.33
N ASN A 594 -2.34 8.92 -25.09
CA ASN A 594 -1.30 8.48 -24.15
C ASN A 594 -1.57 7.06 -23.65
N VAL A 595 -0.48 6.33 -23.47
CA VAL A 595 -0.59 5.01 -22.87
C VAL A 595 0.47 4.64 -21.88
N VAL A 596 0.04 3.73 -21.04
CA VAL A 596 0.83 3.30 -19.90
C VAL A 596 0.38 1.86 -19.60
N GLY A 597 1.31 0.98 -19.22
CA GLY A 597 0.90 -0.40 -18.92
C GLY A 597 2.03 -1.27 -18.42
N SER A 598 1.72 -2.52 -18.03
CA SER A 598 2.83 -3.31 -17.56
C SER A 598 2.53 -4.78 -17.59
N TYR A 599 3.56 -5.57 -17.25
CA TYR A 599 3.34 -7.01 -17.21
C TYR A 599 4.31 -7.57 -16.15
N THR A 600 3.81 -8.53 -15.39
CA THR A 600 4.60 -9.10 -14.34
C THR A 600 4.52 -10.56 -14.33
N TYR A 601 5.67 -11.18 -14.12
CA TYR A 601 5.67 -12.61 -13.98
C TYR A 601 6.39 -12.84 -12.67
N THR A 602 5.69 -13.52 -11.75
CA THR A 602 6.27 -13.81 -10.45
C THR A 602 6.20 -15.28 -10.11
N ASP A 603 7.35 -15.92 -9.95
CA ASP A 603 7.34 -17.32 -9.62
C ASP A 603 7.83 -17.32 -8.20
N ALA A 604 6.91 -17.45 -7.24
CA ALA A 604 7.32 -17.41 -5.82
C ALA A 604 7.25 -18.80 -5.22
N GLU A 605 8.30 -19.16 -4.50
CA GLU A 605 8.38 -20.51 -3.96
C GLU A 605 8.84 -20.76 -2.54
N TYR A 606 8.06 -21.54 -1.83
CA TYR A 606 8.51 -21.91 -0.51
C TYR A 606 9.70 -22.85 -0.81
N THR A 607 10.91 -22.40 -0.48
CA THR A 607 12.14 -23.18 -0.62
C THR A 607 12.44 -24.14 0.55
N THR A 608 12.37 -23.68 1.78
CA THR A 608 12.61 -24.54 2.93
C THR A 608 11.39 -24.30 3.79
N ASP A 609 10.60 -25.33 4.06
CA ASP A 609 9.45 -25.21 4.95
C ASP A 609 8.86 -26.57 5.44
N THR A 610 8.77 -26.61 6.76
CA THR A 610 8.28 -27.76 7.47
C THR A 610 7.08 -28.31 6.75
N THR A 611 6.00 -27.50 6.71
CA THR A 611 4.72 -27.86 6.11
C THR A 611 4.51 -27.52 4.63
N TYR A 612 5.38 -26.71 4.01
CA TYR A 612 5.13 -26.32 2.61
C TYR A 612 6.21 -26.31 1.54
N LYS A 613 7.40 -26.92 1.69
CA LYS A 613 8.32 -26.71 0.54
C LYS A 613 7.60 -26.95 -0.75
N GLY A 614 8.01 -26.20 -1.79
CA GLY A 614 7.40 -26.31 -3.10
C GLY A 614 6.13 -25.51 -3.42
N ASN A 615 5.34 -25.19 -2.40
CA ASN A 615 4.09 -24.43 -2.58
C ASN A 615 4.39 -22.98 -2.90
N THR A 616 3.47 -22.28 -3.57
CA THR A 616 3.72 -20.85 -3.77
C THR A 616 2.89 -20.10 -2.69
N PRO A 617 3.36 -18.96 -2.16
CA PRO A 617 2.49 -18.32 -1.16
C PRO A 617 1.16 -17.77 -1.61
N ALA A 618 0.23 -17.81 -0.70
CA ALA A 618 -1.09 -17.36 -1.01
C ALA A 618 -1.12 -15.94 -1.47
N GLN A 619 -2.17 -15.66 -2.22
CA GLN A 619 -2.48 -14.37 -2.77
C GLN A 619 -1.55 -13.84 -3.84
N VAL A 620 -0.55 -14.61 -4.25
CA VAL A 620 0.28 -14.08 -5.31
C VAL A 620 0.23 -14.83 -6.59
N PRO A 621 -0.36 -14.23 -7.64
CA PRO A 621 -0.55 -14.75 -9.01
C PRO A 621 0.76 -14.93 -9.78
N LYS A 622 0.82 -15.84 -10.75
CA LYS A 622 2.10 -16.02 -11.44
C LYS A 622 2.19 -14.94 -12.52
N HIS A 623 1.01 -14.61 -13.02
CA HIS A 623 0.94 -13.63 -14.05
C HIS A 623 0.02 -12.51 -13.73
N MET A 624 0.48 -11.27 -13.96
CA MET A 624 -0.52 -10.17 -13.88
C MET A 624 -0.16 -9.14 -14.90
N ALA A 625 -1.17 -8.37 -15.30
CA ALA A 625 -0.92 -7.30 -16.20
C ALA A 625 -2.01 -6.25 -16.27
N SER A 626 -1.62 -5.16 -16.84
CA SER A 626 -2.52 -4.06 -16.94
C SER A 626 -2.02 -3.21 -18.11
N LEU A 627 -3.01 -2.53 -18.70
CA LEU A 627 -2.72 -1.62 -19.76
C LEU A 627 -3.82 -0.53 -19.85
N TRP A 628 -3.38 0.71 -20.00
CA TRP A 628 -4.27 1.88 -20.06
C TRP A 628 -4.01 2.85 -21.21
N ALA A 629 -5.13 3.40 -21.75
CA ALA A 629 -5.08 4.38 -22.86
C ALA A 629 -6.11 5.51 -22.73
N ASP A 630 -5.62 6.72 -23.02
CA ASP A 630 -6.51 7.90 -22.98
C ASP A 630 -6.40 8.60 -24.32
N TYR A 631 -7.52 9.11 -24.79
CA TYR A 631 -7.54 9.85 -26.06
C TYR A 631 -8.20 11.21 -25.82
N THR A 632 -7.47 12.26 -26.19
CA THR A 632 -8.00 13.58 -26.00
C THR A 632 -8.20 14.21 -27.34
N PHE A 633 -9.33 14.91 -27.38
CA PHE A 633 -9.82 15.59 -28.53
C PHE A 633 -9.65 17.09 -28.50
N PHE A 634 -8.76 17.62 -29.36
CA PHE A 634 -8.61 19.09 -29.47
C PHE A 634 -9.24 19.80 -30.72
N ASP A 635 -9.92 19.03 -31.60
CA ASP A 635 -10.58 19.56 -32.83
C ASP A 635 -12.08 19.32 -32.80
N GLY A 636 -12.78 19.87 -33.78
CA GLY A 636 -14.21 19.64 -33.82
C GLY A 636 -14.95 20.24 -32.63
N PRO A 637 -16.14 19.70 -32.30
CA PRO A 637 -17.00 20.13 -31.18
C PRO A 637 -16.83 19.24 -29.94
N LEU A 638 -15.89 18.30 -30.02
CA LEU A 638 -15.57 17.39 -28.93
C LEU A 638 -14.18 17.78 -28.52
N SER A 639 -13.95 19.09 -28.50
CA SER A 639 -12.65 19.63 -28.14
C SER A 639 -12.58 19.73 -26.63
N GLY A 640 -11.51 19.20 -26.05
CA GLY A 640 -11.33 19.20 -24.61
C GLY A 640 -12.08 18.05 -23.95
N LEU A 641 -12.30 17.00 -24.74
CA LEU A 641 -13.01 15.81 -24.30
C LEU A 641 -12.06 14.66 -24.35
N THR A 642 -11.88 14.06 -23.17
CA THR A 642 -10.97 12.95 -23.03
C THR A 642 -11.74 11.72 -22.76
N LEU A 643 -11.31 10.69 -23.45
CA LEU A 643 -11.92 9.41 -23.24
C LEU A 643 -10.75 8.51 -22.93
N GLY A 644 -10.97 7.62 -21.97
CA GLY A 644 -9.90 6.73 -21.59
C GLY A 644 -10.50 5.46 -21.05
N THR A 645 -9.69 4.42 -21.16
CA THR A 645 -10.20 3.18 -20.70
C THR A 645 -9.00 2.31 -20.45
N GLY A 646 -9.18 1.33 -19.56
CA GLY A 646 -8.07 0.46 -19.25
C GLY A 646 -8.44 -0.93 -18.75
N GLY A 647 -7.45 -1.80 -18.74
CA GLY A 647 -7.70 -3.16 -18.33
C GLY A 647 -6.65 -3.67 -17.38
N ARG A 648 -7.19 -4.25 -16.33
CA ARG A 648 -6.33 -4.83 -15.32
C ARG A 648 -6.56 -6.35 -15.19
N TYR A 649 -5.48 -7.06 -15.53
CA TYR A 649 -5.46 -8.50 -15.50
C TYR A 649 -4.80 -9.03 -14.24
N THR A 650 -5.58 -9.85 -13.54
CA THR A 650 -5.03 -10.56 -12.36
C THR A 650 -5.13 -12.08 -12.59
N GLY A 651 -3.93 -12.70 -12.71
CA GLY A 651 -3.79 -14.14 -12.89
C GLY A 651 -4.36 -14.96 -11.73
N SER A 652 -4.33 -16.28 -11.91
CA SER A 652 -4.92 -17.16 -10.86
C SER A 652 -3.92 -17.16 -9.71
N SER A 653 -4.37 -17.54 -8.50
CA SER A 653 -3.52 -17.62 -7.30
C SER A 653 -4.09 -18.61 -6.31
N TYR A 654 -3.21 -19.01 -5.40
CA TYR A 654 -3.55 -19.93 -4.36
C TYR A 654 -4.27 -19.19 -3.19
N GLY A 655 -5.22 -19.84 -2.54
CA GLY A 655 -5.91 -19.20 -1.41
C GLY A 655 -5.55 -19.67 0.00
N ASP A 656 -4.36 -20.24 0.19
CA ASP A 656 -3.91 -20.78 1.47
C ASP A 656 -2.52 -21.29 1.30
N PRO A 657 -1.72 -21.28 2.38
CA PRO A 657 -0.32 -21.74 2.27
C PRO A 657 -0.21 -23.16 1.79
N ALA A 658 -1.18 -23.98 2.20
CA ALA A 658 -1.27 -25.42 1.81
C ALA A 658 -1.43 -25.58 0.32
N ASN A 659 -1.89 -24.52 -0.32
CA ASN A 659 -2.19 -24.52 -1.74
C ASN A 659 -3.32 -25.56 -1.88
N SER A 660 -4.21 -25.69 -0.95
CA SER A 660 -5.22 -26.69 -1.21
C SER A 660 -6.28 -26.23 -2.25
N PHE A 661 -6.28 -24.98 -2.66
CA PHE A 661 -7.28 -24.58 -3.63
C PHE A 661 -6.84 -23.34 -4.38
N LYS A 662 -7.63 -22.88 -5.34
CA LYS A 662 -7.19 -21.74 -6.11
C LYS A 662 -8.25 -20.75 -6.41
N VAL A 663 -7.84 -19.49 -6.40
CA VAL A 663 -8.71 -18.39 -6.71
C VAL A 663 -8.34 -18.03 -8.14
N GLY A 664 -9.38 -17.86 -8.96
CA GLY A 664 -9.19 -17.57 -10.37
C GLY A 664 -8.80 -16.22 -10.92
N SER A 665 -8.25 -16.25 -12.14
CA SER A 665 -7.87 -15.07 -12.89
C SER A 665 -9.12 -14.20 -13.06
N TYR A 666 -8.89 -12.93 -13.37
CA TYR A 666 -9.90 -11.90 -13.57
C TYR A 666 -9.33 -10.72 -14.30
N THR A 667 -10.27 -9.98 -14.92
CA THR A 667 -9.91 -8.82 -15.69
C THR A 667 -10.97 -7.78 -15.51
N VAL A 668 -10.54 -6.64 -14.98
CA VAL A 668 -11.47 -5.58 -14.72
C VAL A 668 -11.12 -4.49 -15.66
N VAL A 669 -12.17 -3.81 -16.07
CA VAL A 669 -12.09 -2.75 -17.05
C VAL A 669 -12.63 -1.52 -16.41
N ASP A 670 -11.86 -0.45 -16.57
CA ASP A 670 -12.17 0.87 -16.02
C ASP A 670 -12.14 1.83 -17.15
N ALA A 671 -12.94 2.88 -17.00
CA ALA A 671 -12.99 3.95 -17.98
C ALA A 671 -13.51 5.26 -17.46
N LEU A 672 -13.14 6.27 -18.22
CA LEU A 672 -13.59 7.61 -17.90
C LEU A 672 -13.83 8.46 -19.14
N VAL A 673 -14.54 9.54 -18.90
CA VAL A 673 -14.82 10.54 -19.90
C VAL A 673 -14.75 11.84 -19.07
N ARG A 674 -13.91 12.71 -19.58
CA ARG A 674 -13.61 13.94 -18.95
C ARG A 674 -13.77 15.03 -19.99
N TYR A 675 -14.34 16.13 -19.53
CA TYR A 675 -14.56 17.31 -20.33
C TYR A 675 -13.87 18.58 -19.76
N ASP A 676 -12.85 19.04 -20.46
CA ASP A 676 -12.15 20.25 -20.07
C ASP A 676 -13.00 21.55 -19.98
N LEU A 677 -13.88 21.69 -19.00
CA LEU A 677 -14.67 22.87 -18.82
C LEU A 677 -14.11 24.15 -19.46
N ALA A 678 -12.77 24.28 -19.52
CA ALA A 678 -12.08 25.45 -20.09
C ALA A 678 -13.00 26.23 -21.03
N ARG A 679 -13.29 25.57 -22.14
CA ARG A 679 -14.13 26.06 -23.21
C ARG A 679 -15.49 26.72 -22.89
N VAL A 680 -15.76 27.10 -21.64
CA VAL A 680 -17.00 27.77 -21.22
C VAL A 680 -16.46 28.84 -20.29
N GLY A 681 -15.21 29.19 -20.55
CA GLY A 681 -14.51 30.20 -19.78
C GLY A 681 -13.69 29.62 -18.65
N MET A 682 -14.40 28.88 -17.80
CA MET A 682 -13.82 28.23 -16.66
C MET A 682 -12.62 27.38 -17.08
N ALA A 683 -11.48 27.99 -17.33
CA ALA A 683 -10.35 27.18 -17.71
C ALA A 683 -9.71 26.68 -16.44
N GLY A 684 -9.12 25.48 -16.58
CA GLY A 684 -8.48 24.78 -15.49
C GLY A 684 -9.53 23.97 -14.74
N SER A 685 -10.81 24.16 -15.07
CA SER A 685 -11.86 23.42 -14.40
C SER A 685 -12.20 22.30 -15.33
N ASN A 686 -12.91 21.30 -14.81
CA ASN A 686 -13.30 20.17 -15.60
C ASN A 686 -14.31 19.38 -14.89
N VAL A 687 -14.99 18.59 -15.69
CA VAL A 687 -16.03 17.76 -15.20
C VAL A 687 -15.69 16.39 -15.66
N ALA A 688 -15.93 15.40 -14.81
CA ALA A 688 -15.61 14.02 -15.23
C ALA A 688 -16.54 12.94 -14.73
N LEU A 689 -16.55 11.87 -15.50
CA LEU A 689 -17.37 10.74 -15.15
C LEU A 689 -16.45 9.50 -15.16
N HIS A 690 -16.41 8.79 -14.01
CA HIS A 690 -15.55 7.56 -13.90
C HIS A 690 -16.33 6.29 -13.56
N VAL A 691 -16.00 5.22 -14.26
CA VAL A 691 -16.68 3.98 -13.98
C VAL A 691 -15.62 2.96 -13.79
N ASN A 692 -15.66 2.30 -12.64
CA ASN A 692 -14.67 1.26 -12.41
C ASN A 692 -15.44 0.00 -12.40
N ASN A 693 -14.80 -0.99 -13.01
CA ASN A 693 -15.32 -2.32 -13.23
C ASN A 693 -16.62 -2.11 -14.00
N LEU A 694 -16.35 -1.60 -15.19
CA LEU A 694 -17.31 -1.26 -16.21
C LEU A 694 -18.34 -2.34 -16.46
N PHE A 695 -17.82 -3.56 -16.63
CA PHE A 695 -18.64 -4.73 -16.86
C PHE A 695 -19.19 -5.32 -15.58
N ASP A 696 -19.27 -4.53 -14.52
CA ASP A 696 -19.73 -5.05 -13.21
C ASP A 696 -19.44 -6.55 -12.97
N ARG A 697 -18.24 -7.01 -13.29
CA ARG A 697 -17.86 -8.39 -13.04
C ARG A 697 -17.92 -8.83 -11.55
N GLU A 698 -18.17 -10.13 -11.30
CA GLU A 698 -18.23 -10.68 -9.93
C GLU A 698 -16.95 -11.52 -9.81
N TYR A 699 -16.01 -11.14 -8.96
CA TYR A 699 -14.80 -11.96 -8.79
C TYR A 699 -14.42 -11.96 -7.32
N VAL A 700 -13.54 -12.88 -6.94
CA VAL A 700 -13.09 -12.98 -5.57
C VAL A 700 -11.68 -12.48 -5.78
N ALA A 701 -11.33 -11.44 -5.03
CA ALA A 701 -10.04 -10.76 -5.14
C ALA A 701 -8.89 -11.69 -4.87
N SER A 702 -9.00 -12.34 -3.72
CA SER A 702 -8.02 -13.27 -3.28
C SER A 702 -8.54 -13.87 -1.99
N CYS A 703 -7.76 -14.83 -1.48
CA CYS A 703 -8.04 -15.49 -0.20
C CYS A 703 -6.68 -15.68 0.45
N PHE A 704 -6.59 -15.54 1.77
CA PHE A 704 -5.29 -15.72 2.38
C PHE A 704 -5.34 -17.04 3.02
N ASN A 705 -6.55 -17.57 3.13
CA ASN A 705 -6.79 -18.93 3.66
C ASN A 705 -8.22 -19.41 3.36
N THR A 706 -8.54 -20.69 3.55
CA THR A 706 -9.90 -21.20 3.27
C THR A 706 -11.09 -20.47 3.94
N TYR A 707 -10.83 -19.83 5.07
CA TYR A 707 -11.84 -19.06 5.74
C TYR A 707 -11.62 -17.52 5.55
N GLY A 708 -10.60 -17.09 4.78
CA GLY A 708 -10.34 -15.66 4.52
C GLY A 708 -10.34 -15.22 3.06
N CYS A 709 -11.54 -14.89 2.57
CA CYS A 709 -11.75 -14.54 1.15
C CYS A 709 -12.41 -13.24 0.96
N PHE A 710 -12.08 -12.66 -0.19
CA PHE A 710 -12.61 -11.33 -0.45
C PHE A 710 -13.30 -11.00 -1.77
N TRP A 711 -14.57 -10.61 -1.69
CA TRP A 711 -15.28 -10.22 -2.93
C TRP A 711 -14.61 -9.01 -3.45
N GLY A 712 -14.44 -9.02 -4.77
CA GLY A 712 -13.82 -7.91 -5.47
C GLY A 712 -14.79 -6.76 -5.47
N ALA A 713 -14.42 -5.65 -6.09
CA ALA A 713 -15.32 -4.47 -6.05
C ALA A 713 -16.32 -4.46 -7.17
N GLU A 714 -17.55 -4.23 -6.79
CA GLU A 714 -18.52 -4.22 -7.83
C GLU A 714 -18.49 -2.85 -8.43
N ARG A 715 -18.79 -2.81 -9.72
CA ARG A 715 -18.88 -1.61 -10.55
C ARG A 715 -19.30 -0.35 -9.77
N GLN A 716 -18.51 0.72 -10.01
CA GLN A 716 -18.70 2.03 -9.39
C GLN A 716 -18.78 3.14 -10.44
N VAL A 717 -19.59 4.15 -10.13
CA VAL A 717 -19.78 5.31 -10.99
C VAL A 717 -19.71 6.58 -10.18
N VAL A 718 -18.84 7.46 -10.63
CA VAL A 718 -18.58 8.70 -9.90
C VAL A 718 -18.47 9.83 -10.86
N ALA A 719 -19.08 10.95 -10.46
CA ALA A 719 -19.06 12.14 -11.28
C ALA A 719 -18.24 13.06 -10.47
N THR A 720 -17.25 13.69 -11.11
CA THR A 720 -16.49 14.69 -10.35
C THR A 720 -16.41 16.07 -11.04
N ALA A 721 -16.64 17.11 -10.26
CA ALA A 721 -16.57 18.45 -10.83
C ALA A 721 -15.46 19.13 -10.04
N THR A 722 -14.43 19.57 -10.76
CA THR A 722 -13.39 20.20 -10.02
C THR A 722 -13.17 21.61 -10.60
N PHE A 723 -13.39 22.57 -9.75
CA PHE A 723 -13.30 23.95 -10.19
C PHE A 723 -12.09 24.76 -9.71
N ARG A 724 -11.48 25.49 -10.64
CA ARG A 724 -10.34 26.33 -10.31
C ARG A 724 -10.65 27.81 -10.45
N PHE A 725 -10.64 28.48 -9.32
CA PHE A 725 -10.82 29.94 -9.24
C PHE A 725 -9.45 30.51 -9.57
#